data_7ER1
#
_entry.id   7ER1
#
_cell.length_a   57.290
_cell.length_b   59.637
_cell.length_c   91.419
_cell.angle_alpha   102.280
_cell.angle_beta   96.720
_cell.angle_gamma   109.770
#
_symmetry.space_group_name_H-M   'P 1'
#
loop_
_entity.id
_entity.type
_entity.pdbx_description
1 polymer 'capsid P domain'
2 branched alpha-D-galactopyranose-(1-3)-beta-D-galactopyranose
3 water water
#
_entity_poly.entity_id   1
_entity_poly.type   'polypeptide(L)'
_entity_poly.pdbx_seq_one_letter_code
;GPLGSPEFQKTKPFSVPNLPLNTLSNSRVPSLIRSMMVSRDHGQMVQFQNGRVTLDGQLQGTTPTSASQLCKIRGSVFHA
NGGNGYNLTELDGSPYHAFESPAPIGFPDLGECDWHMEASPTTQFDTGDVIKQINVKQEAAFAPHLGTIQADGLSDVSVN
TNMIAKLGWVSPASDGHRGNVDPWVIPRYGSTLTEAAQLAPPIYPPGFGEAIVFFMSDFPIAHGANGLSVPCTIPQEFVT
HFVNEQAPTRGEAALLHYLDPDTHRNLGEFKLYPEGFMTCVPNSSGTGPQTLPINGVFVFVSWVSRFYQLKPVGTAGPAR
SLGIRRS
;
_entity_poly.pdbx_strand_id   A,B,C,D
#
loop_
_chem_comp.id
_chem_comp.type
_chem_comp.name
_chem_comp.formula
GAL D-saccharide, beta linking beta-D-galactopyranose 'C6 H12 O6'
GLA D-saccharide, alpha linking alpha-D-galactopyranose 'C6 H12 O6'
#
# COMPACT_ATOMS: atom_id res chain seq x y z
N PRO A 13 -10.58 6.34 -22.91
CA PRO A 13 -9.27 5.69 -22.68
C PRO A 13 -9.39 4.46 -21.78
N PHE A 14 -8.77 3.34 -22.18
CA PHE A 14 -8.85 2.05 -21.47
C PHE A 14 -8.08 2.16 -20.15
N SER A 15 -8.58 1.52 -19.10
CA SER A 15 -7.91 1.38 -17.78
C SER A 15 -8.40 0.11 -17.09
N VAL A 16 -7.66 -0.35 -16.10
CA VAL A 16 -8.10 -1.43 -15.16
C VAL A 16 -8.21 -0.79 -13.77
N PRO A 17 -8.98 -1.39 -12.84
CA PRO A 17 -9.09 -0.85 -11.50
C PRO A 17 -7.72 -0.68 -10.79
N ASN A 18 -7.52 0.48 -10.17
CA ASN A 18 -6.36 0.81 -9.33
C ASN A 18 -6.68 0.36 -7.89
N LEU A 19 -6.96 -0.92 -7.70
CA LEU A 19 -7.41 -1.52 -6.41
C LEU A 19 -6.55 -2.76 -6.15
N PRO A 20 -6.07 -2.97 -4.90
CA PRO A 20 -5.27 -4.15 -4.59
C PRO A 20 -6.09 -5.44 -4.72
N LEU A 21 -5.48 -6.48 -5.32
CA LEU A 21 -6.15 -7.75 -5.71
C LEU A 21 -6.86 -8.39 -4.50
N ASN A 22 -6.22 -8.34 -3.33
CA ASN A 22 -6.67 -9.03 -2.09
C ASN A 22 -7.96 -8.40 -1.55
N THR A 23 -8.40 -7.25 -2.09
CA THR A 23 -9.66 -6.58 -1.71
C THR A 23 -10.76 -6.87 -2.74
N LEU A 24 -10.43 -7.58 -3.84
CA LEU A 24 -11.36 -7.85 -4.97
C LEU A 24 -11.92 -9.27 -4.91
N SER A 25 -13.02 -9.51 -5.63
CA SER A 25 -13.77 -10.79 -5.62
C SER A 25 -13.36 -11.65 -6.83
N ASN A 26 -13.36 -12.97 -6.62
CA ASN A 26 -13.50 -13.99 -7.69
C ASN A 26 -14.74 -13.63 -8.51
N SER A 27 -14.75 -13.96 -9.80
CA SER A 27 -15.88 -13.67 -10.72
C SER A 27 -16.74 -14.93 -10.95
N ARG A 28 -16.41 -16.05 -10.30
CA ARG A 28 -17.21 -17.30 -10.39
C ARG A 28 -17.84 -17.64 -9.02
N VAL A 29 -17.19 -17.27 -7.93
CA VAL A 29 -17.75 -17.41 -6.55
C VAL A 29 -17.58 -16.08 -5.83
N PRO A 30 -18.54 -15.69 -4.96
CA PRO A 30 -18.44 -14.44 -4.20
C PRO A 30 -17.47 -14.58 -3.04
N SER A 31 -16.18 -14.53 -3.32
CA SER A 31 -15.08 -14.75 -2.35
C SER A 31 -13.86 -13.94 -2.77
N LEU A 32 -13.11 -13.40 -1.82
CA LEU A 32 -11.93 -12.52 -2.07
C LEU A 32 -10.86 -13.31 -2.81
N ILE A 33 -10.09 -12.64 -3.69
CA ILE A 33 -8.90 -13.24 -4.37
C ILE A 33 -7.86 -13.55 -3.29
N ARG A 34 -7.36 -14.77 -3.25
CA ARG A 34 -6.35 -15.23 -2.26
C ARG A 34 -4.97 -15.33 -2.94
N SER A 35 -4.93 -15.65 -4.24
CA SER A 35 -3.67 -15.82 -5.00
C SER A 35 -3.91 -15.77 -6.50
N MET A 36 -2.82 -15.71 -7.26
CA MET A 36 -2.76 -15.93 -8.72
C MET A 36 -1.99 -17.23 -8.98
N MET A 37 -2.27 -17.89 -10.10
CA MET A 37 -1.51 -19.09 -10.54
C MET A 37 -1.66 -19.25 -12.05
N VAL A 38 -0.73 -19.98 -12.65
CA VAL A 38 -0.87 -20.62 -13.99
C VAL A 38 -1.07 -22.11 -13.73
N SER A 39 -1.71 -22.82 -14.65
CA SER A 39 -2.06 -24.25 -14.49
C SER A 39 -1.52 -25.05 -15.68
N ARG A 40 -0.55 -25.93 -15.40
CA ARG A 40 -0.02 -26.93 -16.35
C ARG A 40 -1.15 -27.90 -16.71
N ASP A 41 -1.87 -28.40 -15.70
CA ASP A 41 -2.86 -29.50 -15.84
C ASP A 41 -4.15 -29.00 -16.49
N HIS A 42 -4.56 -27.74 -16.26
CA HIS A 42 -5.92 -27.22 -16.65
C HIS A 42 -5.84 -25.99 -17.58
N GLY A 43 -4.66 -25.43 -17.81
CA GLY A 43 -4.50 -24.10 -18.44
C GLY A 43 -4.51 -24.15 -19.97
N GLN A 44 -4.70 -25.33 -20.56
CA GLN A 44 -4.70 -25.48 -22.05
C GLN A 44 -6.03 -24.99 -22.61
N MET A 45 -7.11 -25.09 -21.85
CA MET A 45 -8.46 -24.60 -22.27
C MET A 45 -9.37 -24.47 -21.06
N VAL A 46 -10.10 -23.35 -20.97
CA VAL A 46 -11.21 -23.15 -20.01
C VAL A 46 -12.38 -22.52 -20.79
N GLN A 47 -13.60 -22.78 -20.33
CA GLN A 47 -14.84 -22.20 -20.92
C GLN A 47 -15.78 -21.79 -19.78
N PHE A 48 -15.23 -21.19 -18.73
CA PHE A 48 -16.01 -20.57 -17.62
C PHE A 48 -17.09 -19.68 -18.25
N GLN A 49 -18.30 -19.67 -17.68
CA GLN A 49 -19.45 -18.87 -18.18
C GLN A 49 -19.63 -17.60 -17.32
N ASN A 50 -19.04 -17.56 -16.12
CA ASN A 50 -19.01 -16.36 -15.24
C ASN A 50 -17.60 -15.77 -15.29
N GLY A 51 -17.47 -14.46 -15.09
CA GLY A 51 -16.21 -13.71 -15.23
C GLY A 51 -15.84 -13.53 -16.68
N ARG A 52 -16.84 -13.54 -17.58
CA ARG A 52 -16.64 -13.46 -19.04
C ARG A 52 -17.12 -12.09 -19.54
N VAL A 53 -16.20 -11.32 -20.11
CA VAL A 53 -16.41 -9.90 -20.50
C VAL A 53 -15.33 -9.53 -21.52
N THR A 54 -15.66 -8.67 -22.48
CA THR A 54 -14.67 -8.06 -23.41
C THR A 54 -14.07 -6.83 -22.73
N LEU A 55 -12.93 -6.35 -23.21
CA LEU A 55 -12.26 -5.14 -22.65
C LEU A 55 -13.08 -3.89 -22.95
N ASP A 56 -14.00 -3.95 -23.93
CA ASP A 56 -14.88 -2.80 -24.28
C ASP A 56 -16.24 -2.94 -23.59
N GLY A 57 -16.38 -3.93 -22.68
CA GLY A 57 -17.45 -3.95 -21.66
C GLY A 57 -18.71 -4.68 -22.10
N GLN A 58 -18.59 -5.71 -22.95
CA GLN A 58 -19.72 -6.60 -23.33
C GLN A 58 -19.69 -7.85 -22.44
N LEU A 59 -20.74 -8.03 -21.62
CA LEU A 59 -20.91 -9.21 -20.75
C LEU A 59 -21.18 -10.44 -21.63
N GLN A 60 -20.66 -11.60 -21.22
CA GLN A 60 -20.76 -12.87 -21.98
C GLN A 60 -21.17 -13.99 -21.02
N GLY A 61 -21.63 -15.12 -21.58
CA GLY A 61 -22.14 -16.27 -20.81
C GLY A 61 -23.23 -15.80 -19.84
N THR A 62 -23.07 -16.09 -18.55
CA THR A 62 -24.05 -15.77 -17.47
C THR A 62 -23.50 -14.65 -16.58
N THR A 63 -22.44 -13.97 -17.02
CA THR A 63 -21.65 -13.02 -16.19
C THR A 63 -22.53 -11.85 -15.75
N PRO A 64 -22.70 -11.60 -14.44
CA PRO A 64 -23.40 -10.41 -13.97
C PRO A 64 -22.50 -9.18 -13.83
N THR A 65 -23.13 -8.02 -13.68
CA THR A 65 -22.45 -6.74 -13.31
C THR A 65 -21.91 -6.86 -11.88
N SER A 66 -22.71 -7.41 -10.97
CA SER A 66 -22.46 -7.36 -9.50
C SER A 66 -22.09 -8.75 -8.96
N ALA A 67 -21.12 -8.80 -8.04
CA ALA A 67 -20.75 -10.02 -7.28
C ALA A 67 -21.97 -10.55 -6.51
N SER A 68 -22.93 -9.68 -6.19
CA SER A 68 -24.13 -10.03 -5.39
C SER A 68 -25.11 -10.87 -6.22
N GLN A 69 -24.92 -10.95 -7.53
CA GLN A 69 -25.77 -11.78 -8.43
C GLN A 69 -25.14 -13.16 -8.63
N LEU A 70 -23.88 -13.36 -8.23
CA LEU A 70 -23.09 -14.60 -8.48
C LEU A 70 -23.61 -15.76 -7.64
N CYS A 71 -23.78 -16.92 -8.27
CA CYS A 71 -24.08 -18.22 -7.63
C CYS A 71 -25.44 -18.16 -6.94
N LYS A 72 -26.38 -17.46 -7.55
CA LYS A 72 -27.79 -17.39 -7.09
C LYS A 72 -28.71 -17.92 -8.19
N ILE A 73 -29.83 -18.49 -7.78
CA ILE A 73 -30.89 -19.03 -8.64
C ILE A 73 -32.22 -18.48 -8.12
N ARG A 74 -33.08 -18.01 -9.03
CA ARG A 74 -34.45 -17.58 -8.69
C ARG A 74 -35.44 -18.36 -9.57
N GLY A 75 -36.55 -18.78 -8.98
CA GLY A 75 -37.63 -19.47 -9.73
C GLY A 75 -38.84 -19.75 -8.87
N SER A 76 -39.86 -20.30 -9.51
CA SER A 76 -41.14 -20.72 -8.86
C SER A 76 -41.15 -22.25 -8.75
N VAL A 77 -41.53 -22.76 -7.59
CA VAL A 77 -41.51 -24.22 -7.29
C VAL A 77 -42.54 -24.91 -8.19
N PHE A 78 -42.14 -26.01 -8.85
CA PHE A 78 -43.06 -26.95 -9.52
C PHE A 78 -42.96 -28.30 -8.82
N HIS A 79 -44.05 -29.06 -8.84
CA HIS A 79 -44.11 -30.52 -8.53
C HIS A 79 -44.62 -31.19 -9.81
N ALA A 80 -43.78 -31.99 -10.48
CA ALA A 80 -44.17 -32.68 -11.73
C ALA A 80 -43.50 -34.04 -11.80
N ASN A 81 -44.24 -35.09 -12.18
CA ASN A 81 -43.69 -36.43 -12.52
C ASN A 81 -42.86 -36.98 -11.35
N GLY A 82 -43.23 -36.64 -10.12
CA GLY A 82 -42.58 -37.12 -8.87
C GLY A 82 -41.24 -36.45 -8.60
N GLY A 83 -40.93 -35.36 -9.30
CA GLY A 83 -39.72 -34.54 -9.13
C GLY A 83 -40.09 -33.08 -8.88
N ASN A 84 -39.35 -32.41 -8.01
CA ASN A 84 -39.60 -31.01 -7.59
C ASN A 84 -38.42 -30.15 -8.04
N GLY A 85 -38.68 -28.87 -8.32
CA GLY A 85 -37.64 -27.93 -8.76
C GLY A 85 -38.20 -26.54 -9.03
N TYR A 86 -37.48 -25.76 -9.85
CA TYR A 86 -37.79 -24.35 -10.14
C TYR A 86 -38.01 -24.16 -11.64
N ASN A 87 -39.07 -23.43 -11.99
CA ASN A 87 -39.21 -22.71 -13.28
C ASN A 87 -38.42 -21.40 -13.13
N LEU A 88 -37.27 -21.32 -13.80
CA LEU A 88 -36.25 -20.27 -13.54
C LEU A 88 -36.73 -18.91 -14.07
N THR A 89 -36.37 -17.85 -13.36
CA THR A 89 -36.45 -16.43 -13.83
C THR A 89 -35.05 -15.82 -13.65
N GLU A 90 -34.88 -14.57 -14.07
CA GLU A 90 -33.71 -13.75 -13.72
C GLU A 90 -33.82 -13.41 -12.21
N LEU A 91 -32.71 -13.04 -11.58
CA LEU A 91 -32.65 -12.80 -10.11
C LEU A 91 -33.56 -11.64 -9.70
N ASP A 92 -33.81 -10.68 -10.60
CA ASP A 92 -34.68 -9.50 -10.34
C ASP A 92 -36.16 -9.88 -10.53
N GLY A 93 -36.46 -11.11 -10.92
CA GLY A 93 -37.84 -11.63 -11.06
C GLY A 93 -38.34 -11.55 -12.49
N SER A 94 -37.66 -10.83 -13.38
CA SER A 94 -38.05 -10.66 -14.80
C SER A 94 -37.86 -11.99 -15.54
N PRO A 95 -38.57 -12.22 -16.67
CA PRO A 95 -38.60 -13.55 -17.28
C PRO A 95 -37.25 -14.02 -17.84
N TYR A 96 -36.93 -15.31 -17.66
CA TYR A 96 -35.75 -15.95 -18.28
C TYR A 96 -36.17 -16.42 -19.67
N HIS A 97 -35.47 -15.98 -20.71
CA HIS A 97 -35.78 -16.36 -22.12
C HIS A 97 -34.90 -17.54 -22.57
N ALA A 98 -35.53 -18.71 -22.74
CA ALA A 98 -34.91 -20.03 -22.98
C ALA A 98 -34.33 -20.01 -24.40
N PHE A 99 -33.37 -20.89 -24.70
CA PHE A 99 -32.77 -21.05 -26.05
C PHE A 99 -31.97 -19.80 -26.47
N GLU A 100 -31.66 -18.89 -25.54
CA GLU A 100 -31.04 -17.56 -25.85
C GLU A 100 -29.66 -17.42 -25.19
N SER A 101 -29.52 -17.92 -23.96
CA SER A 101 -28.30 -17.90 -23.11
C SER A 101 -28.15 -19.26 -22.44
N PRO A 102 -27.00 -19.61 -21.83
CA PRO A 102 -26.85 -20.90 -21.16
C PRO A 102 -27.76 -21.05 -19.93
N ALA A 103 -28.10 -19.93 -19.27
CA ALA A 103 -28.84 -19.94 -17.99
C ALA A 103 -29.14 -18.50 -17.59
N PRO A 104 -29.99 -18.26 -16.56
CA PRO A 104 -30.17 -16.90 -16.05
C PRO A 104 -28.81 -16.30 -15.64
N ILE A 105 -28.71 -14.98 -15.66
CA ILE A 105 -27.50 -14.23 -15.23
C ILE A 105 -27.15 -14.62 -13.78
N GLY A 106 -25.87 -14.89 -13.50
CA GLY A 106 -25.36 -15.20 -12.15
C GLY A 106 -25.49 -16.68 -11.79
N PHE A 107 -26.11 -17.48 -12.66
CA PHE A 107 -26.29 -18.95 -12.45
C PHE A 107 -24.91 -19.55 -12.24
N PRO A 108 -24.72 -20.42 -11.22
CA PRO A 108 -23.39 -20.98 -10.95
C PRO A 108 -22.84 -21.74 -12.16
N ASP A 109 -21.52 -21.69 -12.39
CA ASP A 109 -20.86 -22.40 -13.50
C ASP A 109 -19.88 -23.44 -12.94
N LEU A 110 -20.13 -23.95 -11.74
CA LEU A 110 -19.34 -25.05 -11.14
C LEU A 110 -19.94 -26.38 -11.61
N GLY A 111 -19.34 -26.98 -12.65
CA GLY A 111 -19.87 -28.18 -13.32
C GLY A 111 -19.69 -29.43 -12.50
N GLU A 112 -20.58 -30.41 -12.72
CA GLU A 112 -20.44 -31.82 -12.29
C GLU A 112 -20.15 -31.92 -10.80
N CYS A 113 -21.02 -31.30 -9.99
CA CYS A 113 -21.02 -31.40 -8.51
C CYS A 113 -22.44 -31.10 -8.00
N ASP A 114 -22.69 -31.42 -6.74
CA ASP A 114 -23.95 -31.08 -6.03
C ASP A 114 -23.85 -29.64 -5.54
N TRP A 115 -24.91 -28.86 -5.74
CA TRP A 115 -25.04 -27.47 -5.20
C TRP A 115 -25.95 -27.49 -3.98
N HIS A 116 -25.36 -27.35 -2.79
CA HIS A 116 -26.10 -27.18 -1.52
C HIS A 116 -26.40 -25.69 -1.35
N MET A 117 -27.68 -25.34 -1.38
CA MET A 117 -28.14 -23.94 -1.45
C MET A 117 -29.15 -23.71 -0.34
N GLU A 118 -29.23 -22.47 0.13
CA GLU A 118 -30.31 -22.01 1.05
C GLU A 118 -31.32 -21.21 0.25
N ALA A 119 -32.57 -21.70 0.21
CA ALA A 119 -33.69 -21.12 -0.56
C ALA A 119 -34.62 -20.41 0.42
N SER A 120 -34.97 -19.16 0.11
CA SER A 120 -35.88 -18.32 0.91
C SER A 120 -36.95 -17.73 0.00
N PRO A 121 -38.19 -17.52 0.51
CA PRO A 121 -39.23 -16.88 -0.28
C PRO A 121 -38.84 -15.44 -0.63
N THR A 122 -39.32 -14.95 -1.78
CA THR A 122 -39.13 -13.55 -2.26
C THR A 122 -40.30 -12.70 -1.76
N THR A 123 -41.19 -13.30 -0.96
CA THR A 123 -42.30 -12.66 -0.23
C THR A 123 -41.97 -12.65 1.27
N GLN A 124 -42.27 -11.55 1.95
CA GLN A 124 -42.19 -11.38 3.42
C GLN A 124 -42.67 -12.66 4.13
N PHE A 125 -41.95 -13.09 5.17
CA PHE A 125 -42.30 -14.26 6.00
C PHE A 125 -42.07 -13.94 7.49
N ASP A 126 -42.65 -14.76 8.37
CA ASP A 126 -42.70 -14.53 9.83
C ASP A 126 -41.74 -15.46 10.58
N THR A 127 -41.42 -16.62 10.00
CA THR A 127 -40.61 -17.68 10.65
C THR A 127 -39.56 -18.21 9.66
N GLY A 128 -38.43 -18.70 10.17
CA GLY A 128 -37.34 -19.32 9.38
C GLY A 128 -37.70 -20.71 8.89
N ASP A 129 -38.86 -21.25 9.28
CA ASP A 129 -39.36 -22.59 8.85
C ASP A 129 -39.56 -22.62 7.33
N VAL A 130 -39.80 -21.47 6.68
CA VAL A 130 -40.02 -21.36 5.21
C VAL A 130 -38.68 -21.35 4.47
N ILE A 131 -37.56 -21.25 5.19
CA ILE A 131 -36.19 -21.29 4.60
C ILE A 131 -35.76 -22.76 4.51
N LYS A 132 -35.36 -23.19 3.31
CA LYS A 132 -35.10 -24.63 2.99
C LYS A 132 -33.65 -24.80 2.55
N GLN A 133 -33.01 -25.85 3.08
CA GLN A 133 -31.71 -26.37 2.58
C GLN A 133 -32.03 -27.27 1.40
N ILE A 134 -31.61 -26.88 0.18
CA ILE A 134 -31.92 -27.63 -1.07
C ILE A 134 -30.60 -28.16 -1.62
N ASN A 135 -30.72 -29.21 -2.45
CA ASN A 135 -29.57 -29.83 -3.16
C ASN A 135 -29.93 -29.88 -4.64
N VAL A 136 -29.19 -29.15 -5.47
CA VAL A 136 -29.34 -29.17 -6.95
C VAL A 136 -28.25 -30.10 -7.49
N LYS A 137 -28.66 -31.24 -8.06
CA LYS A 137 -27.76 -32.23 -8.71
C LYS A 137 -27.76 -31.94 -10.21
N GLN A 138 -26.62 -32.17 -10.86
CA GLN A 138 -26.48 -32.01 -12.34
C GLN A 138 -26.71 -33.39 -12.98
N GLU A 139 -27.98 -33.80 -13.01
CA GLU A 139 -28.47 -35.10 -13.56
C GLU A 139 -29.43 -34.76 -14.72
N ALA A 140 -30.29 -35.71 -15.11
CA ALA A 140 -31.09 -35.67 -16.35
C ALA A 140 -32.01 -34.42 -16.37
N ALA A 141 -32.55 -34.03 -15.20
CA ALA A 141 -33.58 -32.98 -15.07
C ALA A 141 -32.93 -31.60 -14.82
N PHE A 142 -31.60 -31.50 -14.87
CA PHE A 142 -30.84 -30.23 -14.81
C PHE A 142 -30.80 -29.60 -16.20
N ALA A 143 -31.69 -28.66 -16.49
CA ALA A 143 -31.89 -28.07 -17.83
C ALA A 143 -32.04 -26.56 -17.72
N PRO A 144 -31.04 -25.82 -17.17
CA PRO A 144 -31.14 -24.39 -16.99
C PRO A 144 -31.37 -23.63 -18.32
N HIS A 145 -30.80 -24.13 -19.42
CA HIS A 145 -30.96 -23.53 -20.78
C HIS A 145 -32.43 -23.57 -21.21
N LEU A 146 -33.19 -24.60 -20.79
CA LEU A 146 -34.64 -24.75 -21.06
C LEU A 146 -35.45 -24.10 -19.93
N GLY A 147 -34.79 -23.60 -18.89
CA GLY A 147 -35.42 -22.79 -17.82
C GLY A 147 -35.99 -23.63 -16.68
N THR A 148 -35.49 -24.86 -16.50
CA THR A 148 -35.96 -25.78 -15.44
C THR A 148 -34.79 -26.52 -14.79
N ILE A 149 -34.77 -26.62 -13.46
CA ILE A 149 -33.86 -27.51 -12.69
C ILE A 149 -34.67 -28.26 -11.64
N GLN A 150 -34.24 -29.48 -11.31
CA GLN A 150 -34.80 -30.27 -10.18
C GLN A 150 -33.94 -29.97 -8.95
N ALA A 151 -34.55 -30.03 -7.76
CA ALA A 151 -33.83 -29.85 -6.47
C ALA A 151 -34.48 -30.71 -5.40
N ASP A 152 -33.64 -31.35 -4.58
CA ASP A 152 -34.09 -32.01 -3.32
C ASP A 152 -34.31 -30.92 -2.27
N GLY A 153 -35.31 -31.10 -1.40
CA GLY A 153 -35.61 -30.20 -0.28
C GLY A 153 -36.81 -29.31 -0.55
N LEU A 154 -37.54 -29.52 -1.66
CA LEU A 154 -38.69 -28.67 -2.07
C LEU A 154 -40.02 -29.42 -1.98
N SER A 155 -40.03 -30.70 -1.57
CA SER A 155 -41.26 -31.53 -1.50
C SER A 155 -42.33 -30.86 -0.62
N ASP A 156 -41.93 -30.14 0.42
CA ASP A 156 -42.86 -29.55 1.42
C ASP A 156 -43.19 -28.09 1.09
N VAL A 157 -42.71 -27.56 -0.05
CA VAL A 157 -42.96 -26.16 -0.49
C VAL A 157 -44.13 -26.17 -1.49
N SER A 158 -45.14 -25.32 -1.26
CA SER A 158 -46.33 -25.13 -2.14
C SER A 158 -45.87 -24.81 -3.56
N VAL A 159 -46.59 -25.36 -4.56
CA VAL A 159 -46.37 -25.07 -6.01
C VAL A 159 -46.48 -23.55 -6.21
N ASN A 160 -45.59 -23.00 -7.06
CA ASN A 160 -45.60 -21.57 -7.49
C ASN A 160 -45.04 -20.66 -6.38
N THR A 161 -44.49 -21.22 -5.28
CA THR A 161 -43.73 -20.42 -4.28
C THR A 161 -42.48 -19.88 -4.99
N ASN A 162 -42.35 -18.56 -5.07
CA ASN A 162 -41.21 -17.87 -5.68
C ASN A 162 -40.08 -17.80 -4.65
N MET A 163 -38.88 -18.25 -5.01
CA MET A 163 -37.74 -18.37 -4.06
C MET A 163 -36.44 -17.90 -4.72
N ILE A 164 -35.53 -17.37 -3.91
CA ILE A 164 -34.10 -17.16 -4.30
C ILE A 164 -33.28 -18.19 -3.51
N ALA A 165 -32.43 -18.94 -4.21
CA ALA A 165 -31.49 -19.90 -3.62
C ALA A 165 -30.07 -19.35 -3.78
N LYS A 166 -29.28 -19.42 -2.71
CA LYS A 166 -27.90 -18.89 -2.65
C LYS A 166 -26.96 -20.06 -2.38
N LEU A 167 -25.93 -20.22 -3.20
CA LEU A 167 -24.98 -21.36 -3.08
C LEU A 167 -24.21 -21.23 -1.76
N GLY A 168 -24.28 -22.25 -0.91
CA GLY A 168 -23.55 -22.31 0.37
C GLY A 168 -22.27 -23.12 0.25
N TRP A 169 -22.37 -24.32 -0.30
CA TRP A 169 -21.22 -25.25 -0.48
C TRP A 169 -21.53 -26.24 -1.60
N VAL A 170 -20.48 -26.88 -2.14
CA VAL A 170 -20.59 -27.90 -3.22
C VAL A 170 -19.86 -29.16 -2.75
N SER A 171 -20.32 -30.32 -3.24
CA SER A 171 -19.81 -31.66 -2.86
C SER A 171 -19.81 -32.55 -4.10
N PRO A 172 -19.11 -33.71 -4.07
CA PRO A 172 -19.07 -34.60 -5.23
C PRO A 172 -20.46 -35.04 -5.70
N ALA A 173 -20.62 -35.24 -7.01
CA ALA A 173 -21.89 -35.62 -7.66
C ALA A 173 -22.53 -36.80 -6.93
N SER A 174 -23.82 -36.68 -6.58
CA SER A 174 -24.61 -37.72 -5.86
C SER A 174 -24.59 -39.04 -6.63
N ASP A 175 -24.51 -39.01 -7.97
CA ASP A 175 -24.58 -40.21 -8.85
C ASP A 175 -23.23 -40.94 -8.84
N GLY A 176 -22.18 -40.33 -8.27
CA GLY A 176 -20.87 -40.98 -8.03
C GLY A 176 -20.00 -41.09 -9.27
N HIS A 177 -20.37 -40.43 -10.38
CA HIS A 177 -19.65 -40.51 -11.68
C HIS A 177 -18.25 -39.86 -11.55
N ARG A 178 -18.04 -39.13 -10.45
CA ARG A 178 -16.79 -38.41 -10.10
C ARG A 178 -16.61 -38.48 -8.59
N GLY A 179 -15.37 -38.65 -8.12
CA GLY A 179 -15.03 -38.82 -6.70
C GLY A 179 -14.81 -37.49 -6.00
N ASN A 180 -14.40 -36.46 -6.74
CA ASN A 180 -14.06 -35.12 -6.17
C ASN A 180 -14.84 -34.03 -6.91
N VAL A 181 -14.75 -32.79 -6.42
CA VAL A 181 -15.28 -31.58 -7.12
C VAL A 181 -14.13 -30.97 -7.92
N ASP A 182 -14.27 -30.93 -9.25
CA ASP A 182 -13.29 -30.30 -10.17
C ASP A 182 -13.79 -28.90 -10.51
N PRO A 183 -13.19 -27.84 -9.94
CA PRO A 183 -13.66 -26.47 -10.15
C PRO A 183 -13.21 -25.86 -11.48
N TRP A 184 -12.61 -26.64 -12.38
CA TRP A 184 -12.20 -26.22 -13.75
C TRP A 184 -13.28 -26.57 -14.76
N VAL A 185 -14.26 -27.40 -14.36
CA VAL A 185 -15.33 -27.97 -15.23
C VAL A 185 -16.58 -27.08 -15.15
N ILE A 186 -17.21 -26.80 -16.30
CA ILE A 186 -18.48 -26.03 -16.37
C ILE A 186 -19.64 -27.01 -16.47
N PRO A 187 -20.89 -26.61 -16.16
CA PRO A 187 -22.05 -27.48 -16.31
C PRO A 187 -22.35 -27.80 -17.77
N ARG A 188 -23.11 -28.88 -17.97
CA ARG A 188 -23.85 -29.18 -19.22
C ARG A 188 -25.24 -28.57 -19.03
N TYR A 189 -25.52 -27.47 -19.75
CA TYR A 189 -26.65 -26.54 -19.46
C TYR A 189 -27.97 -27.06 -20.06
N GLY A 190 -27.96 -28.19 -20.75
CA GLY A 190 -29.16 -29.04 -20.93
C GLY A 190 -28.82 -30.35 -21.62
N SER A 191 -29.84 -31.09 -22.05
CA SER A 191 -29.71 -32.26 -22.96
C SER A 191 -29.42 -31.79 -24.39
N THR A 192 -29.55 -30.48 -24.66
CA THR A 192 -29.13 -29.81 -25.93
C THR A 192 -27.62 -30.07 -26.13
N LEU A 193 -27.17 -30.03 -27.38
CA LEU A 193 -25.73 -30.14 -27.74
C LEU A 193 -25.03 -28.86 -27.26
N THR A 194 -23.86 -29.00 -26.63
CA THR A 194 -23.01 -27.90 -26.11
C THR A 194 -22.82 -26.83 -27.21
N GLU A 195 -22.69 -27.26 -28.47
CA GLU A 195 -22.54 -26.39 -29.67
C GLU A 195 -23.81 -25.55 -29.88
N ALA A 196 -25.00 -26.13 -29.63
CA ALA A 196 -26.32 -25.46 -29.81
C ALA A 196 -26.64 -24.53 -28.63
N ALA A 197 -26.13 -24.82 -27.43
CA ALA A 197 -26.17 -23.91 -26.26
C ALA A 197 -25.27 -22.70 -26.54
N GLN A 198 -25.63 -21.52 -26.02
CA GLN A 198 -25.09 -20.19 -26.44
C GLN A 198 -23.93 -19.76 -25.53
N LEU A 199 -22.94 -20.63 -25.36
CA LEU A 199 -21.85 -20.51 -24.35
C LEU A 199 -20.90 -19.36 -24.74
N ALA A 200 -20.37 -18.65 -23.74
CA ALA A 200 -19.11 -17.87 -23.86
C ALA A 200 -18.06 -18.79 -24.45
N PRO A 201 -17.27 -18.33 -25.45
CA PRO A 201 -16.34 -19.21 -26.17
C PRO A 201 -15.21 -19.75 -25.29
N PRO A 202 -14.54 -20.84 -25.71
CA PRO A 202 -13.36 -21.33 -25.00
C PRO A 202 -12.22 -20.30 -25.03
N ILE A 203 -11.40 -20.29 -24.00
CA ILE A 203 -10.17 -19.45 -23.88
C ILE A 203 -8.97 -20.39 -23.99
N TYR A 204 -8.04 -20.05 -24.89
CA TYR A 204 -6.76 -20.77 -25.13
C TYR A 204 -5.60 -19.86 -24.80
N PRO A 205 -4.47 -20.40 -24.29
CA PRO A 205 -3.23 -19.64 -24.21
C PRO A 205 -2.81 -19.28 -25.62
N PRO A 206 -2.44 -18.01 -25.91
CA PRO A 206 -2.25 -17.56 -27.30
C PRO A 206 -0.86 -17.80 -27.92
N GLY A 207 0.06 -18.46 -27.21
CA GLY A 207 1.41 -18.78 -27.71
C GLY A 207 2.47 -17.85 -27.12
N PHE A 208 3.71 -17.98 -27.61
CA PHE A 208 4.87 -17.12 -27.29
C PHE A 208 5.26 -17.25 -25.81
N GLY A 209 5.09 -18.47 -25.29
CA GLY A 209 5.44 -18.84 -23.91
C GLY A 209 4.40 -18.35 -22.90
N GLU A 210 3.26 -17.83 -23.35
CA GLU A 210 2.26 -17.18 -22.47
C GLU A 210 1.31 -18.24 -21.88
N ALA A 211 1.01 -18.11 -20.59
CA ALA A 211 0.07 -18.97 -19.84
C ALA A 211 -1.06 -18.10 -19.29
N ILE A 212 -2.29 -18.62 -19.28
CA ILE A 212 -3.48 -17.91 -18.74
C ILE A 212 -3.26 -17.72 -17.23
N VAL A 213 -3.48 -16.51 -16.72
CA VAL A 213 -3.44 -16.19 -15.27
C VAL A 213 -4.82 -16.51 -14.69
N PHE A 214 -4.85 -17.31 -13.62
CA PHE A 214 -6.06 -17.68 -12.87
C PHE A 214 -6.02 -17.00 -11.51
N PHE A 215 -7.10 -16.32 -11.14
CA PHE A 215 -7.30 -15.66 -9.82
C PHE A 215 -8.04 -16.65 -8.92
N MET A 216 -7.39 -17.07 -7.83
CA MET A 216 -7.85 -18.20 -6.98
C MET A 216 -8.52 -17.63 -5.73
N SER A 217 -9.67 -18.20 -5.37
CA SER A 217 -10.43 -17.87 -4.14
C SER A 217 -10.83 -19.18 -3.45
N ASP A 218 -10.92 -19.17 -2.13
CA ASP A 218 -11.47 -20.29 -1.34
C ASP A 218 -13.00 -20.21 -1.37
N PHE A 219 -13.65 -21.35 -1.57
CA PHE A 219 -15.12 -21.54 -1.44
C PHE A 219 -15.34 -22.82 -0.65
N PRO A 220 -16.47 -22.96 0.10
CA PRO A 220 -16.75 -24.20 0.81
C PRO A 220 -17.00 -25.36 -0.17
N ILE A 221 -15.97 -26.20 -0.36
CA ILE A 221 -15.97 -27.38 -1.26
C ILE A 221 -15.63 -28.63 -0.44
N ALA A 222 -16.54 -29.60 -0.38
CA ALA A 222 -16.28 -30.94 0.18
C ALA A 222 -15.54 -31.76 -0.88
N HIS A 223 -14.35 -32.26 -0.55
CA HIS A 223 -13.49 -33.10 -1.43
C HIS A 223 -13.20 -32.40 -2.76
N GLY A 224 -12.62 -31.20 -2.71
CA GLY A 224 -12.22 -30.44 -3.90
C GLY A 224 -10.90 -30.95 -4.47
N ALA A 225 -10.78 -30.99 -5.79
CA ALA A 225 -9.56 -31.42 -6.52
C ALA A 225 -8.39 -30.51 -6.14
N ASN A 226 -8.67 -29.22 -5.86
CA ASN A 226 -7.68 -28.23 -5.38
C ASN A 226 -8.10 -27.72 -4.00
N GLY A 227 -8.65 -28.61 -3.16
CA GLY A 227 -9.20 -28.25 -1.84
C GLY A 227 -10.33 -27.24 -1.98
N LEU A 228 -10.17 -26.05 -1.40
CA LEU A 228 -11.21 -24.98 -1.39
C LEU A 228 -11.08 -24.07 -2.60
N SER A 229 -10.03 -24.23 -3.43
CA SER A 229 -9.64 -23.25 -4.48
C SER A 229 -10.56 -23.33 -5.68
N VAL A 230 -11.06 -22.17 -6.12
CA VAL A 230 -11.82 -21.98 -7.39
C VAL A 230 -11.07 -20.96 -8.22
N PRO A 231 -10.70 -21.29 -9.48
CA PRO A 231 -10.09 -20.32 -10.39
C PRO A 231 -11.13 -19.50 -11.16
N CYS A 232 -10.76 -18.27 -11.54
CA CYS A 232 -11.49 -17.43 -12.51
C CYS A 232 -10.45 -16.66 -13.35
N THR A 233 -10.87 -16.04 -14.45
CA THR A 233 -9.95 -15.45 -15.45
C THR A 233 -9.81 -13.94 -15.22
N ILE A 234 -10.67 -13.33 -14.41
CA ILE A 234 -10.62 -11.86 -14.14
C ILE A 234 -11.39 -11.57 -12.85
N PRO A 235 -10.93 -10.62 -12.00
CA PRO A 235 -11.68 -10.21 -10.82
C PRO A 235 -13.03 -9.58 -11.19
N GLN A 236 -14.07 -9.82 -10.37
CA GLN A 236 -15.44 -9.31 -10.63
C GLN A 236 -15.39 -7.78 -10.84
N GLU A 237 -14.59 -7.08 -10.03
CA GLU A 237 -14.56 -5.60 -10.04
C GLU A 237 -13.95 -5.11 -11.36
N PHE A 238 -13.13 -5.93 -12.02
CA PHE A 238 -12.59 -5.67 -13.38
C PHE A 238 -13.75 -5.77 -14.39
N VAL A 239 -14.60 -6.79 -14.27
CA VAL A 239 -15.81 -6.97 -15.12
C VAL A 239 -16.61 -5.66 -15.06
N THR A 240 -17.00 -5.24 -13.85
CA THR A 240 -17.87 -4.05 -13.61
C THR A 240 -17.20 -2.81 -14.25
N HIS A 241 -15.89 -2.67 -14.03
CA HIS A 241 -15.06 -1.55 -14.55
C HIS A 241 -15.19 -1.45 -16.06
N PHE A 242 -15.03 -2.56 -16.79
CA PHE A 242 -15.08 -2.59 -18.28
C PHE A 242 -16.51 -2.28 -18.74
N VAL A 243 -17.53 -2.83 -18.07
CA VAL A 243 -18.96 -2.55 -18.40
C VAL A 243 -19.20 -1.06 -18.20
N ASN A 244 -18.66 -0.46 -17.14
CA ASN A 244 -18.83 0.97 -16.83
C ASN A 244 -18.14 1.84 -17.89
N GLU A 245 -16.87 1.54 -18.21
CA GLU A 245 -15.99 2.42 -19.03
C GLU A 245 -16.37 2.34 -20.51
N GLN A 246 -16.67 1.15 -21.02
CA GLN A 246 -16.97 0.91 -22.46
C GLN A 246 -15.85 1.50 -23.31
N ALA A 247 -14.59 1.32 -22.88
CA ALA A 247 -13.40 1.84 -23.60
C ALA A 247 -13.22 1.07 -24.89
N PRO A 248 -13.20 1.74 -26.07
CA PRO A 248 -12.90 1.06 -27.32
C PRO A 248 -11.57 0.29 -27.23
N THR A 249 -11.55 -0.97 -27.68
CA THR A 249 -10.32 -1.81 -27.75
C THR A 249 -9.50 -1.36 -28.96
N ARG A 250 -8.34 -0.75 -28.73
CA ARG A 250 -7.52 -0.09 -29.78
C ARG A 250 -6.19 -0.82 -29.97
N GLY A 251 -6.12 -2.10 -29.61
CA GLY A 251 -4.92 -2.92 -29.77
C GLY A 251 -5.23 -4.41 -29.66
N GLU A 252 -4.25 -5.25 -29.97
CA GLU A 252 -4.38 -6.73 -29.95
C GLU A 252 -4.26 -7.24 -28.50
N ALA A 253 -3.59 -6.47 -27.64
CA ALA A 253 -3.43 -6.79 -26.20
C ALA A 253 -3.13 -5.51 -25.42
N ALA A 254 -3.61 -5.43 -24.18
CA ALA A 254 -3.32 -4.35 -23.23
C ALA A 254 -2.18 -4.82 -22.32
N LEU A 255 -1.01 -4.16 -22.40
CA LEU A 255 0.14 -4.41 -21.51
C LEU A 255 -0.18 -3.81 -20.14
N LEU A 256 -0.07 -4.63 -19.08
CA LEU A 256 -0.25 -4.21 -17.67
C LEU A 256 1.07 -4.39 -16.93
N HIS A 257 1.33 -3.53 -15.94
CA HIS A 257 2.33 -3.77 -14.86
C HIS A 257 1.56 -4.09 -13.58
N TYR A 258 2.03 -5.10 -12.84
CA TYR A 258 1.57 -5.39 -11.47
C TYR A 258 2.54 -4.69 -10.51
N LEU A 259 2.07 -3.63 -9.84
CA LEU A 259 2.88 -2.74 -8.99
C LEU A 259 2.68 -3.11 -7.52
N ASP A 260 3.74 -3.08 -6.73
CA ASP A 260 3.62 -3.01 -5.26
C ASP A 260 3.40 -1.55 -4.89
N PRO A 261 2.22 -1.17 -4.37
CA PRO A 261 1.92 0.24 -4.09
C PRO A 261 2.70 0.78 -2.88
N ASP A 262 3.19 -0.10 -2.00
CA ASP A 262 3.93 0.26 -0.77
C ASP A 262 5.42 0.52 -1.08
N THR A 263 6.04 -0.32 -1.91
CA THR A 263 7.50 -0.29 -2.25
C THR A 263 7.75 0.50 -3.54
N HIS A 264 6.72 0.73 -4.35
CA HIS A 264 6.77 1.51 -5.61
C HIS A 264 7.58 0.74 -6.67
N ARG A 265 7.55 -0.59 -6.61
CA ARG A 265 8.29 -1.50 -7.53
C ARG A 265 7.32 -2.15 -8.52
N ASN A 266 7.74 -2.28 -9.78
CA ASN A 266 7.08 -3.08 -10.84
C ASN A 266 7.45 -4.56 -10.63
N LEU A 267 6.47 -5.40 -10.30
CA LEU A 267 6.68 -6.81 -9.88
C LEU A 267 6.53 -7.76 -11.07
N GLY A 268 6.04 -7.31 -12.23
CA GLY A 268 5.84 -8.20 -13.39
C GLY A 268 4.97 -7.62 -14.49
N GLU A 269 5.16 -8.09 -15.72
CA GLU A 269 4.39 -7.67 -16.93
C GLU A 269 3.33 -8.72 -17.26
N PHE A 270 2.15 -8.27 -17.67
CA PHE A 270 0.98 -9.12 -18.01
C PHE A 270 0.35 -8.57 -19.30
N LYS A 271 -0.26 -9.44 -20.10
CA LYS A 271 -1.07 -9.04 -21.28
C LYS A 271 -2.52 -9.43 -21.02
N LEU A 272 -3.40 -8.43 -21.10
CA LEU A 272 -4.87 -8.57 -21.04
C LEU A 272 -5.40 -8.52 -22.47
N TYR A 273 -6.03 -9.60 -22.94
CA TYR A 273 -6.51 -9.76 -24.33
C TYR A 273 -7.93 -9.23 -24.46
N PRO A 274 -8.36 -8.84 -25.69
CA PRO A 274 -9.72 -8.32 -25.91
C PRO A 274 -10.83 -9.23 -25.37
N GLU A 275 -10.58 -10.54 -25.33
CA GLU A 275 -11.56 -11.58 -24.89
C GLU A 275 -11.71 -11.56 -23.36
N GLY A 276 -10.91 -10.75 -22.66
CA GLY A 276 -11.09 -10.44 -21.22
C GLY A 276 -10.29 -11.34 -20.29
N PHE A 277 -9.36 -12.11 -20.82
CA PHE A 277 -8.44 -12.97 -20.02
C PHE A 277 -7.03 -12.39 -20.09
N MET A 278 -6.22 -12.78 -19.12
CA MET A 278 -4.88 -12.22 -18.84
C MET A 278 -3.85 -13.34 -18.93
N THR A 279 -2.65 -13.02 -19.41
CA THR A 279 -1.51 -13.95 -19.50
C THR A 279 -0.26 -13.33 -18.87
N CYS A 280 0.68 -14.20 -18.51
CA CYS A 280 2.09 -13.88 -18.20
C CYS A 280 2.97 -14.93 -18.90
N VAL A 281 4.28 -14.68 -18.91
CA VAL A 281 5.31 -15.72 -19.22
C VAL A 281 5.88 -16.20 -17.88
N PRO A 282 5.48 -17.43 -17.45
CA PRO A 282 6.04 -17.99 -16.25
C PRO A 282 7.53 -18.31 -16.37
N ASN A 283 8.21 -18.36 -15.24
CA ASN A 283 9.64 -18.75 -15.21
C ASN A 283 9.81 -20.21 -15.61
N SER A 284 11.04 -20.68 -15.69
CA SER A 284 11.35 -22.07 -16.10
C SER A 284 10.52 -23.10 -15.33
N SER A 285 10.54 -23.02 -13.99
CA SER A 285 9.80 -24.00 -13.16
C SER A 285 8.37 -24.06 -13.65
N GLY A 286 7.72 -22.90 -13.81
CA GLY A 286 6.31 -22.80 -14.22
C GLY A 286 5.37 -22.44 -13.09
N THR A 287 5.89 -21.90 -11.98
CA THR A 287 5.10 -21.45 -10.79
C THR A 287 4.55 -20.03 -11.07
N GLY A 288 5.42 -19.20 -11.66
CA GLY A 288 5.07 -17.88 -12.22
C GLY A 288 4.47 -16.94 -11.19
N PRO A 289 3.22 -16.48 -11.40
CA PRO A 289 2.61 -15.45 -10.56
C PRO A 289 2.21 -15.93 -9.16
N GLN A 290 2.31 -17.25 -8.91
CA GLN A 290 1.92 -17.90 -7.64
C GLN A 290 2.79 -17.40 -6.47
N THR A 291 4.02 -16.97 -6.74
CA THR A 291 4.99 -16.49 -5.71
C THR A 291 4.84 -14.98 -5.51
N LEU A 292 4.10 -14.27 -6.38
CA LEU A 292 3.87 -12.81 -6.26
C LEU A 292 2.96 -12.53 -5.07
N PRO A 293 3.12 -11.37 -4.41
CA PRO A 293 2.21 -10.99 -3.33
C PRO A 293 0.84 -10.61 -3.93
N ILE A 294 -0.20 -10.67 -3.11
CA ILE A 294 -1.61 -10.54 -3.57
C ILE A 294 -2.14 -9.14 -3.26
N ASN A 295 -1.30 -8.25 -2.71
CA ASN A 295 -1.71 -6.87 -2.32
C ASN A 295 -1.24 -5.85 -3.38
N GLY A 296 -0.84 -6.32 -4.56
CA GLY A 296 -0.40 -5.45 -5.67
C GLY A 296 -1.60 -4.91 -6.45
N VAL A 297 -1.34 -3.96 -7.35
CA VAL A 297 -2.35 -3.30 -8.22
C VAL A 297 -1.88 -3.42 -9.67
N PHE A 298 -2.79 -3.79 -10.57
CA PHE A 298 -2.55 -3.74 -12.03
C PHE A 298 -2.74 -2.30 -12.50
N VAL A 299 -1.91 -1.87 -13.45
CA VAL A 299 -2.05 -0.57 -14.16
C VAL A 299 -1.87 -0.83 -15.65
N PHE A 300 -2.73 -0.24 -16.47
CA PHE A 300 -2.62 -0.21 -17.95
C PHE A 300 -1.38 0.63 -18.31
N VAL A 301 -0.50 0.09 -19.16
CA VAL A 301 0.72 0.78 -19.66
C VAL A 301 0.40 1.32 -21.07
N SER A 302 0.06 0.43 -22.00
CA SER A 302 -0.28 0.77 -23.40
C SER A 302 -0.84 -0.46 -24.14
N TRP A 303 -1.45 -0.21 -25.30
CA TRP A 303 -1.81 -1.23 -26.30
C TRP A 303 -0.54 -1.72 -26.99
N VAL A 304 -0.38 -3.05 -27.13
CA VAL A 304 0.78 -3.68 -27.81
C VAL A 304 0.23 -4.73 -28.77
N SER A 305 1.08 -5.20 -29.69
CA SER A 305 0.78 -6.29 -30.64
C SER A 305 0.67 -7.62 -29.88
N ARG A 306 0.00 -8.62 -30.47
CA ARG A 306 -0.17 -9.96 -29.86
C ARG A 306 1.19 -10.67 -29.73
N PHE A 307 2.20 -10.19 -30.47
CA PHE A 307 3.60 -10.70 -30.57
C PHE A 307 4.54 -10.04 -29.54
N TYR A 308 4.08 -8.98 -28.87
CA TYR A 308 4.86 -8.30 -27.81
C TYR A 308 5.31 -9.37 -26.81
N GLN A 309 6.62 -9.45 -26.55
CA GLN A 309 7.21 -10.52 -25.70
C GLN A 309 7.35 -9.99 -24.27
N LEU A 310 6.72 -10.68 -23.31
CA LEU A 310 6.71 -10.29 -21.88
C LEU A 310 7.97 -10.81 -21.20
N LYS A 311 8.50 -10.03 -20.24
CA LYS A 311 9.55 -10.49 -19.29
C LYS A 311 8.96 -11.62 -18.45
N PRO A 312 9.71 -12.73 -18.23
CA PRO A 312 9.21 -13.82 -17.38
C PRO A 312 8.92 -13.34 -15.95
N VAL A 313 7.90 -13.92 -15.32
CA VAL A 313 7.42 -13.54 -13.96
C VAL A 313 7.65 -14.72 -13.00
N GLY A 314 8.14 -14.44 -11.79
CA GLY A 314 8.16 -15.43 -10.70
C GLY A 314 9.54 -15.69 -10.14
N THR A 315 9.56 -16.22 -8.90
CA THR A 315 10.70 -16.33 -7.95
C THR A 315 11.81 -15.34 -8.31
N PRO B 13 2.37 18.10 -13.77
CA PRO B 13 3.53 18.30 -14.67
C PRO B 13 4.80 17.64 -14.10
N PHE B 14 5.68 17.15 -14.98
CA PHE B 14 7.03 16.67 -14.63
C PHE B 14 7.89 17.86 -14.17
N SER B 15 8.73 17.63 -13.17
CA SER B 15 9.75 18.60 -12.68
C SER B 15 10.92 17.83 -12.08
N VAL B 16 12.06 18.51 -11.93
CA VAL B 16 13.22 18.01 -11.15
C VAL B 16 13.38 18.95 -9.96
N PRO B 17 14.04 18.53 -8.86
CA PRO B 17 14.25 19.41 -7.71
C PRO B 17 14.96 20.72 -8.09
N ASN B 18 14.44 21.82 -7.56
CA ASN B 18 15.03 23.18 -7.63
C ASN B 18 16.01 23.34 -6.45
N LEU B 19 17.00 22.44 -6.37
CA LEU B 19 17.96 22.36 -5.23
C LEU B 19 19.38 22.34 -5.78
N PRO B 20 20.31 23.12 -5.20
CA PRO B 20 21.69 23.13 -5.69
C PRO B 20 22.36 21.75 -5.46
N LEU B 21 23.09 21.27 -6.47
CA LEU B 21 23.64 19.89 -6.55
C LEU B 21 24.50 19.58 -5.32
N ASN B 22 25.28 20.57 -4.87
CA ASN B 22 26.31 20.42 -3.81
C ASN B 22 25.66 20.20 -2.44
N THR B 23 24.33 20.36 -2.34
CA THR B 23 23.55 20.11 -1.10
C THR B 23 22.86 18.74 -1.15
N LEU B 24 22.97 18.02 -2.28
CA LEU B 24 22.28 16.72 -2.51
C LEU B 24 23.25 15.55 -2.36
N SER B 25 22.70 14.35 -2.17
CA SER B 25 23.46 13.10 -1.92
C SER B 25 23.67 12.32 -3.22
N ASN B 26 24.82 11.65 -3.31
CA ASN B 26 25.05 10.47 -4.19
C ASN B 26 23.92 9.48 -3.92
N SER B 27 23.52 8.68 -4.92
CA SER B 27 22.44 7.68 -4.80
C SER B 27 23.03 6.26 -4.63
N ARG B 28 24.35 6.12 -4.57
CA ARG B 28 25.03 4.81 -4.35
C ARG B 28 25.78 4.81 -3.01
N VAL B 29 26.27 5.96 -2.57
CA VAL B 29 26.89 6.12 -1.22
C VAL B 29 26.27 7.35 -0.56
N PRO B 30 26.07 7.33 0.78
CA PRO B 30 25.47 8.46 1.48
C PRO B 30 26.50 9.57 1.70
N SER B 31 26.77 10.34 0.65
CA SER B 31 27.81 11.40 0.60
C SER B 31 27.37 12.50 -0.36
N LEU B 32 27.68 13.77 -0.04
CA LEU B 32 27.25 14.95 -0.86
C LEU B 32 27.89 14.85 -2.25
N ILE B 33 27.18 15.35 -3.27
CA ILE B 33 27.71 15.48 -4.66
C ILE B 33 28.86 16.49 -4.61
N ARG B 34 30.03 16.11 -5.14
CA ARG B 34 31.23 16.99 -5.17
C ARG B 34 31.46 17.53 -6.60
N SER B 35 31.06 16.78 -7.63
CA SER B 35 31.26 17.18 -9.05
C SER B 35 30.39 16.36 -9.98
N MET B 36 30.32 16.80 -11.23
CA MET B 36 29.78 16.05 -12.39
C MET B 36 30.94 15.72 -13.32
N MET B 37 30.82 14.62 -14.07
CA MET B 37 31.82 14.23 -15.09
C MET B 37 31.14 13.33 -16.12
N VAL B 38 31.77 13.25 -17.30
CA VAL B 38 31.54 12.18 -18.30
C VAL B 38 32.76 11.26 -18.24
N SER B 39 32.61 9.99 -18.61
CA SER B 39 33.69 8.97 -18.59
C SER B 39 33.78 8.31 -19.97
N ARG B 40 34.88 8.52 -20.67
CA ARG B 40 35.17 7.81 -21.95
C ARG B 40 35.43 6.33 -21.63
N ASP B 41 36.19 6.05 -20.57
CA ASP B 41 36.69 4.70 -20.19
C ASP B 41 35.55 3.82 -19.63
N HIS B 42 34.56 4.40 -18.92
CA HIS B 42 33.52 3.63 -18.19
C HIS B 42 32.09 3.98 -18.62
N GLY B 43 31.91 5.03 -19.43
CA GLY B 43 30.59 5.60 -19.72
C GLY B 43 29.83 4.89 -20.84
N GLN B 44 30.42 3.85 -21.42
CA GLN B 44 29.83 3.10 -22.56
C GLN B 44 28.68 2.22 -22.05
N MET B 45 28.77 1.73 -20.81
CA MET B 45 27.67 0.96 -20.17
C MET B 45 27.87 0.93 -18.66
N VAL B 46 26.78 1.16 -17.90
CA VAL B 46 26.74 0.96 -16.42
C VAL B 46 25.44 0.20 -16.09
N GLN B 47 25.44 -0.56 -15.00
CA GLN B 47 24.26 -1.28 -14.50
C GLN B 47 24.20 -1.15 -12.97
N PHE B 48 24.46 0.05 -12.45
CA PHE B 48 24.28 0.40 -11.02
C PHE B 48 22.89 -0.08 -10.59
N GLN B 49 22.78 -0.62 -9.38
CA GLN B 49 21.50 -1.14 -8.82
C GLN B 49 20.88 -0.12 -7.85
N ASN B 50 21.67 0.84 -7.36
CA ASN B 50 21.19 1.97 -6.52
C ASN B 50 21.18 3.24 -7.38
N GLY B 51 20.29 4.18 -7.07
CA GLY B 51 20.07 5.39 -7.86
C GLY B 51 19.30 5.09 -9.13
N ARG B 52 18.50 4.02 -9.11
CA ARG B 52 17.76 3.52 -10.29
C ARG B 52 16.27 3.76 -10.08
N VAL B 53 15.68 4.55 -10.98
CA VAL B 53 14.29 5.04 -10.87
C VAL B 53 13.84 5.50 -12.25
N THR B 54 12.57 5.33 -12.58
CA THR B 54 11.95 5.91 -13.82
C THR B 54 11.53 7.35 -13.50
N LEU B 55 11.33 8.17 -14.53
CA LEU B 55 10.89 9.58 -14.37
C LEU B 55 9.45 9.64 -13.85
N ASP B 56 8.68 8.54 -13.98
CA ASP B 56 7.29 8.46 -13.46
C ASP B 56 7.26 7.81 -12.08
N GLY B 57 8.43 7.54 -11.48
CA GLY B 57 8.59 7.30 -10.03
C GLY B 57 8.50 5.83 -9.64
N GLN B 58 8.93 4.91 -10.50
CA GLN B 58 9.08 3.46 -10.18
C GLN B 58 10.52 3.19 -9.73
N LEU B 59 10.72 2.78 -8.48
CA LEU B 59 12.05 2.38 -7.93
C LEU B 59 12.49 1.07 -8.59
N GLN B 60 13.79 0.92 -8.86
CA GLN B 60 14.37 -0.25 -9.57
C GLN B 60 15.60 -0.73 -8.81
N GLY B 61 16.07 -1.94 -9.14
CA GLY B 61 17.19 -2.59 -8.44
C GLY B 61 16.95 -2.62 -6.94
N THR B 62 17.89 -2.08 -6.16
CA THR B 62 17.87 -2.05 -4.67
C THR B 62 17.64 -0.62 -4.18
N THR B 63 17.24 0.28 -5.08
CA THR B 63 17.17 1.75 -4.84
C THR B 63 16.15 2.03 -3.74
N PRO B 64 16.55 2.68 -2.62
CA PRO B 64 15.59 3.13 -1.61
C PRO B 64 15.00 4.52 -1.92
N THR B 65 13.93 4.88 -1.22
CA THR B 65 13.37 6.26 -1.20
C THR B 65 14.37 7.18 -0.50
N SER B 66 14.97 6.73 0.60
CA SER B 66 15.77 7.57 1.53
C SER B 66 17.26 7.21 1.45
N ALA B 67 18.12 8.23 1.47
CA ALA B 67 19.59 8.12 1.59
C ALA B 67 19.96 7.34 2.87
N SER B 68 19.09 7.35 3.89
CA SER B 68 19.33 6.71 5.20
C SER B 68 19.26 5.18 5.09
N GLN B 69 18.74 4.65 3.98
CA GLN B 69 18.64 3.19 3.73
C GLN B 69 19.86 2.71 2.94
N LEU B 70 20.63 3.63 2.34
CA LEU B 70 21.77 3.31 1.42
C LEU B 70 22.94 2.70 2.18
N CYS B 71 23.50 1.62 1.62
CA CYS B 71 24.76 0.95 2.04
C CYS B 71 24.61 0.39 3.44
N LYS B 72 23.42 -0.13 3.75
CA LYS B 72 23.12 -0.83 5.02
C LYS B 72 22.62 -2.25 4.70
N ILE B 73 22.88 -3.16 5.63
CA ILE B 73 22.49 -4.59 5.61
C ILE B 73 21.86 -4.91 6.96
N ARG B 74 20.78 -5.68 6.97
CA ARG B 74 20.14 -6.19 8.22
C ARG B 74 19.99 -7.70 8.07
N GLY B 75 20.21 -8.45 9.16
CA GLY B 75 20.04 -9.92 9.15
C GLY B 75 20.30 -10.54 10.51
N SER B 76 20.09 -11.86 10.59
CA SER B 76 20.32 -12.69 11.80
C SER B 76 21.59 -13.52 11.59
N VAL B 77 22.49 -13.52 12.59
CA VAL B 77 23.80 -14.22 12.51
C VAL B 77 23.54 -15.72 12.39
N PHE B 78 24.21 -16.37 11.44
CA PHE B 78 24.33 -17.85 11.35
C PHE B 78 25.80 -18.23 11.54
N HIS B 79 26.04 -19.43 12.08
CA HIS B 79 27.36 -20.11 12.04
C HIS B 79 27.25 -21.36 11.17
N ALA B 80 27.98 -21.38 10.06
CA ALA B 80 28.18 -22.54 9.16
C ALA B 80 29.66 -22.93 9.20
N ASN B 81 29.98 -24.15 8.76
CA ASN B 81 31.33 -24.74 8.85
C ASN B 81 32.34 -23.83 8.13
N GLY B 82 33.21 -23.14 8.88
CA GLY B 82 34.28 -22.28 8.34
C GLY B 82 33.75 -20.96 7.80
N GLY B 83 32.51 -20.58 8.11
CA GLY B 83 31.92 -19.32 7.60
C GLY B 83 30.76 -18.84 8.44
N ASN B 84 30.79 -17.59 8.89
CA ASN B 84 29.69 -16.93 9.65
C ASN B 84 29.10 -15.84 8.76
N GLY B 85 27.87 -15.42 8.99
CA GLY B 85 27.24 -14.38 8.16
C GLY B 85 25.82 -14.08 8.61
N TYR B 86 25.03 -13.51 7.70
CA TYR B 86 23.65 -13.04 7.97
C TYR B 86 22.67 -13.75 7.05
N ASN B 87 21.56 -14.20 7.63
CA ASN B 87 20.28 -14.44 6.91
C ASN B 87 19.59 -13.07 6.78
N LEU B 88 19.61 -12.51 5.57
CA LEU B 88 19.26 -11.09 5.30
C LEU B 88 17.75 -10.88 5.45
N THR B 89 17.37 -9.71 5.95
CA THR B 89 16.01 -9.16 5.91
C THR B 89 16.08 -7.76 5.28
N GLU B 90 14.94 -7.10 5.11
CA GLU B 90 14.87 -5.65 4.83
C GLU B 90 15.32 -4.91 6.09
N LEU B 91 15.70 -3.65 5.96
CA LEU B 91 16.21 -2.78 7.04
C LEU B 91 15.17 -2.62 8.17
N ASP B 92 13.87 -2.69 7.85
CA ASP B 92 12.77 -2.52 8.85
C ASP B 92 12.50 -3.86 9.55
N GLY B 93 13.20 -4.94 9.17
CA GLY B 93 13.08 -6.26 9.82
C GLY B 93 12.15 -7.20 9.09
N SER B 94 11.35 -6.68 8.14
CA SER B 94 10.39 -7.48 7.34
C SER B 94 11.16 -8.38 6.38
N PRO B 95 10.56 -9.49 5.89
CA PRO B 95 11.28 -10.43 5.01
C PRO B 95 11.75 -9.81 3.69
N TYR B 96 12.90 -10.26 3.20
CA TYR B 96 13.42 -9.97 1.84
C TYR B 96 12.75 -10.92 0.83
N HIS B 97 12.03 -10.34 -0.13
CA HIS B 97 11.32 -11.04 -1.23
C HIS B 97 12.11 -10.79 -2.51
N ALA B 98 12.65 -11.88 -3.09
CA ALA B 98 13.31 -11.96 -4.43
C ALA B 98 12.43 -11.35 -5.55
N PHE B 99 11.11 -11.43 -5.45
CA PHE B 99 10.19 -10.84 -6.46
C PHE B 99 10.21 -9.31 -6.44
N GLU B 100 10.86 -8.67 -5.45
CA GLU B 100 10.89 -7.19 -5.31
C GLU B 100 12.21 -6.61 -5.89
N SER B 101 13.35 -7.28 -5.66
CA SER B 101 14.70 -6.68 -5.85
C SER B 101 15.76 -7.78 -5.88
N PRO B 102 16.95 -7.53 -6.47
CA PRO B 102 18.03 -8.53 -6.51
C PRO B 102 18.72 -8.79 -5.17
N ALA B 103 18.48 -7.90 -4.21
CA ALA B 103 19.00 -7.95 -2.82
C ALA B 103 18.08 -7.07 -1.98
N PRO B 104 18.17 -7.10 -0.63
CA PRO B 104 17.37 -6.18 0.17
C PRO B 104 17.61 -4.74 -0.27
N ILE B 105 16.61 -3.88 -0.07
CA ILE B 105 16.66 -2.45 -0.48
C ILE B 105 17.81 -1.79 0.26
N GLY B 106 18.60 -0.97 -0.44
CA GLY B 106 19.74 -0.21 0.12
C GLY B 106 21.02 -1.00 0.18
N PHE B 107 20.98 -2.30 -0.18
CA PHE B 107 22.18 -3.18 -0.23
C PHE B 107 23.25 -2.50 -1.07
N PRO B 108 24.51 -2.44 -0.61
CA PRO B 108 25.57 -1.75 -1.37
C PRO B 108 25.74 -2.36 -2.77
N ASP B 109 26.04 -1.54 -3.78
CA ASP B 109 26.22 -2.02 -5.17
C ASP B 109 27.65 -1.73 -5.63
N LEU B 110 28.60 -1.65 -4.70
CA LEU B 110 30.05 -1.56 -5.01
C LEU B 110 30.59 -2.98 -5.20
N GLY B 111 30.75 -3.40 -6.46
CA GLY B 111 31.13 -4.78 -6.84
C GLY B 111 32.60 -5.05 -6.61
N GLU B 112 32.94 -6.33 -6.39
CA GLU B 112 34.31 -6.88 -6.45
C GLU B 112 35.25 -6.10 -5.54
N CYS B 113 34.88 -5.96 -4.27
CA CYS B 113 35.71 -5.34 -3.20
C CYS B 113 35.25 -5.85 -1.84
N ASP B 114 36.07 -5.63 -0.81
CA ASP B 114 35.73 -5.95 0.61
C ASP B 114 34.89 -4.80 1.16
N TRP B 115 33.80 -5.14 1.86
CA TRP B 115 32.94 -4.18 2.60
C TRP B 115 33.28 -4.24 4.08
N HIS B 116 33.97 -3.22 4.60
CA HIS B 116 34.23 -3.02 6.04
C HIS B 116 33.03 -2.29 6.64
N MET B 117 32.28 -2.95 7.52
CA MET B 117 30.99 -2.46 8.03
C MET B 117 31.01 -2.50 9.56
N GLU B 118 30.24 -1.62 10.21
CA GLU B 118 30.02 -1.61 11.66
C GLU B 118 28.62 -2.18 11.94
N ALA B 119 28.56 -3.30 12.64
CA ALA B 119 27.33 -4.07 12.95
C ALA B 119 26.95 -3.82 14.42
N SER B 120 25.68 -3.50 14.67
CA SER B 120 25.10 -3.27 16.02
C SER B 120 23.82 -4.10 16.16
N PRO B 121 23.49 -4.59 17.38
CA PRO B 121 22.23 -5.27 17.62
C PRO B 121 21.04 -4.35 17.36
N THR B 122 19.91 -4.92 16.92
CA THR B 122 18.62 -4.21 16.68
C THR B 122 17.78 -4.28 17.95
N THR B 123 18.33 -4.88 19.01
CA THR B 123 17.76 -4.88 20.39
C THR B 123 18.61 -3.96 21.26
N GLN B 124 17.96 -3.16 22.11
CA GLN B 124 18.64 -2.26 23.07
C GLN B 124 19.77 -3.01 23.77
N PHE B 125 20.92 -2.35 23.96
CA PHE B 125 22.15 -2.89 24.59
C PHE B 125 22.72 -1.84 25.55
N ASP B 126 23.64 -2.27 26.43
CA ASP B 126 24.15 -1.46 27.57
C ASP B 126 25.56 -0.95 27.28
N THR B 127 26.32 -1.65 26.43
CA THR B 127 27.78 -1.42 26.23
C THR B 127 28.12 -1.48 24.72
N GLY B 128 29.16 -0.78 24.29
CA GLY B 128 29.67 -0.78 22.91
C GLY B 128 30.40 -2.06 22.55
N ASP B 129 30.62 -2.96 23.52
CA ASP B 129 31.31 -4.27 23.33
C ASP B 129 30.52 -5.14 22.33
N VAL B 130 29.21 -4.94 22.20
CA VAL B 130 28.32 -5.73 21.29
C VAL B 130 28.40 -5.20 19.86
N ILE B 131 29.08 -4.06 19.64
CA ILE B 131 29.28 -3.45 18.30
C ILE B 131 30.52 -4.07 17.67
N LYS B 132 30.38 -4.61 16.47
CA LYS B 132 31.44 -5.26 15.75
C LYS B 132 31.86 -4.71 14.40
N GLN B 133 33.16 -4.65 14.18
CA GLN B 133 33.74 -4.36 12.84
C GLN B 133 33.72 -5.67 12.06
N ILE B 134 32.95 -5.73 10.98
CA ILE B 134 32.82 -6.95 10.12
C ILE B 134 33.41 -6.64 8.74
N ASN B 135 33.77 -7.70 8.01
CA ASN B 135 34.28 -7.62 6.61
C ASN B 135 33.46 -8.58 5.76
N VAL B 136 32.71 -8.05 4.79
CA VAL B 136 31.94 -8.84 3.80
C VAL B 136 32.77 -8.92 2.52
N LYS B 137 33.21 -10.12 2.16
CA LYS B 137 33.95 -10.41 0.90
C LYS B 137 32.95 -10.92 -0.14
N GLN B 138 33.19 -10.60 -1.42
CA GLN B 138 32.35 -11.06 -2.55
C GLN B 138 33.01 -12.31 -3.14
N GLU B 139 32.87 -13.43 -2.42
CA GLU B 139 33.41 -14.77 -2.76
C GLU B 139 32.22 -15.73 -2.90
N ALA B 140 32.45 -17.04 -2.82
CA ALA B 140 31.47 -18.12 -3.12
C ALA B 140 30.22 -17.97 -2.25
N ALA B 141 30.35 -17.55 -1.00
CA ALA B 141 29.25 -17.51 0.01
C ALA B 141 28.50 -16.16 -0.01
N PHE B 142 28.85 -15.26 -0.94
CA PHE B 142 28.14 -13.98 -1.19
C PHE B 142 26.96 -14.23 -2.13
N ALA B 143 25.76 -14.39 -1.57
CA ALA B 143 24.53 -14.81 -2.30
C ALA B 143 23.33 -13.95 -1.89
N PRO B 144 23.39 -12.63 -2.16
CA PRO B 144 22.35 -11.73 -1.66
C PRO B 144 20.95 -12.04 -2.21
N HIS B 145 20.87 -12.50 -3.47
CA HIS B 145 19.59 -12.88 -4.12
C HIS B 145 18.94 -14.06 -3.39
N LEU B 146 19.76 -14.95 -2.82
CA LEU B 146 19.29 -16.12 -2.02
C LEU B 146 19.15 -15.73 -0.55
N GLY B 147 19.51 -14.49 -0.20
CA GLY B 147 19.25 -13.87 1.11
C GLY B 147 20.32 -14.23 2.14
N THR B 148 21.54 -14.56 1.70
CA THR B 148 22.65 -14.98 2.60
C THR B 148 23.96 -14.36 2.13
N ILE B 149 24.73 -13.81 3.08
CA ILE B 149 26.13 -13.36 2.86
C ILE B 149 26.98 -13.88 4.02
N GLN B 150 28.26 -14.15 3.75
CA GLN B 150 29.25 -14.46 4.80
C GLN B 150 29.97 -13.17 5.18
N ALA B 151 30.42 -13.06 6.42
CA ALA B 151 31.16 -11.90 6.95
C ALA B 151 32.16 -12.37 8.01
N ASP B 152 33.39 -11.87 7.97
CA ASP B 152 34.39 -11.99 9.06
C ASP B 152 34.00 -11.02 10.17
N GLY B 153 34.26 -11.40 11.43
CA GLY B 153 34.06 -10.55 12.62
C GLY B 153 32.81 -10.90 13.41
N LEU B 154 32.18 -12.03 13.07
CA LEU B 154 30.90 -12.48 13.70
C LEU B 154 31.12 -13.74 14.55
N SER B 155 32.33 -14.29 14.64
CA SER B 155 32.60 -15.58 15.35
C SER B 155 32.17 -15.48 16.82
N ASP B 156 32.29 -14.30 17.45
CA ASP B 156 32.00 -14.07 18.89
C ASP B 156 30.58 -13.52 19.10
N VAL B 157 29.75 -13.46 18.06
CA VAL B 157 28.31 -13.06 18.16
C VAL B 157 27.46 -14.34 18.21
N SER B 158 26.56 -14.44 19.20
CA SER B 158 25.60 -15.56 19.36
C SER B 158 24.79 -15.73 18.07
N VAL B 159 24.51 -16.98 17.69
CA VAL B 159 23.68 -17.29 16.48
C VAL B 159 22.31 -16.66 16.69
N ASN B 160 21.72 -16.11 15.63
CA ASN B 160 20.35 -15.52 15.60
C ASN B 160 20.30 -14.17 16.32
N THR B 161 21.46 -13.59 16.67
CA THR B 161 21.55 -12.14 17.01
C THR B 161 21.18 -11.36 15.74
N ASN B 162 20.13 -10.55 15.84
CA ASN B 162 19.65 -9.68 14.75
C ASN B 162 20.49 -8.39 14.78
N MET B 163 21.08 -8.00 13.65
CA MET B 163 22.04 -6.86 13.58
C MET B 163 21.77 -6.01 12.33
N ILE B 164 22.06 -4.71 12.43
CA ILE B 164 22.16 -3.78 11.27
C ILE B 164 23.64 -3.42 11.10
N ALA B 165 24.15 -3.56 9.88
CA ALA B 165 25.54 -3.25 9.50
C ALA B 165 25.52 -2.04 8.55
N LYS B 166 26.39 -1.08 8.79
CA LYS B 166 26.51 0.18 8.01
C LYS B 166 27.90 0.22 7.37
N LEU B 167 27.97 0.42 6.06
CA LEU B 167 29.24 0.44 5.29
C LEU B 167 30.07 1.63 5.77
N GLY B 168 31.29 1.38 6.23
CA GLY B 168 32.25 2.39 6.68
C GLY B 168 33.25 2.72 5.60
N TRP B 169 33.89 1.70 5.03
CA TRP B 169 34.91 1.83 3.97
C TRP B 169 35.01 0.54 3.16
N VAL B 170 35.60 0.62 1.96
CA VAL B 170 35.82 -0.54 1.05
C VAL B 170 37.30 -0.59 0.67
N SER B 171 37.80 -1.80 0.42
CA SER B 171 39.21 -2.09 0.09
C SER B 171 39.29 -3.17 -0.98
N PRO B 172 40.45 -3.37 -1.63
CA PRO B 172 40.58 -4.38 -2.68
C PRO B 172 40.19 -5.79 -2.20
N ALA B 173 39.62 -6.60 -3.10
CA ALA B 173 39.16 -7.98 -2.84
C ALA B 173 40.25 -8.76 -2.08
N SER B 174 39.88 -9.41 -0.98
CA SER B 174 40.79 -10.25 -0.14
C SER B 174 41.44 -11.36 -0.98
N ASP B 175 40.76 -11.86 -2.02
CA ASP B 175 41.24 -13.01 -2.83
C ASP B 175 42.30 -12.53 -3.84
N GLY B 176 42.47 -11.21 -3.99
CA GLY B 176 43.57 -10.60 -4.77
C GLY B 176 43.35 -10.65 -6.28
N HIS B 177 42.15 -11.01 -6.74
CA HIS B 177 41.82 -11.13 -8.19
C HIS B 177 41.85 -9.74 -8.86
N ARG B 178 41.90 -8.68 -8.04
CA ARG B 178 41.92 -7.26 -8.45
C ARG B 178 42.82 -6.50 -7.48
N GLY B 179 43.60 -5.54 -7.99
CA GLY B 179 44.56 -4.76 -7.18
C GLY B 179 43.92 -3.53 -6.57
N ASN B 180 42.87 -2.98 -7.20
CA ASN B 180 42.21 -1.73 -6.76
C ASN B 180 40.71 -1.97 -6.56
N VAL B 181 40.01 -0.97 -6.02
CA VAL B 181 38.52 -0.93 -5.96
C VAL B 181 38.03 -0.14 -7.18
N ASP B 182 37.27 -0.81 -8.05
CA ASP B 182 36.65 -0.19 -9.24
C ASP B 182 35.20 0.15 -8.89
N PRO B 183 34.88 1.45 -8.67
CA PRO B 183 33.53 1.84 -8.27
C PRO B 183 32.52 1.90 -9.43
N TRP B 184 32.91 1.43 -10.63
CA TRP B 184 32.03 1.34 -11.83
C TRP B 184 31.39 -0.06 -11.92
N VAL B 185 31.91 -1.00 -11.14
CA VAL B 185 31.55 -2.45 -11.18
C VAL B 185 30.47 -2.71 -10.12
N ILE B 186 29.44 -3.48 -10.46
CA ILE B 186 28.35 -3.91 -9.53
C ILE B 186 28.67 -5.32 -9.04
N PRO B 187 28.06 -5.76 -7.91
CA PRO B 187 28.25 -7.12 -7.42
C PRO B 187 27.58 -8.17 -8.33
N ARG B 188 27.92 -9.44 -8.11
CA ARG B 188 27.18 -10.61 -8.63
C ARG B 188 26.12 -11.00 -7.59
N TYR B 189 24.84 -10.76 -7.90
CA TYR B 189 23.73 -10.83 -6.93
C TYR B 189 23.23 -12.27 -6.78
N GLY B 190 23.09 -12.92 -7.94
CA GLY B 190 22.47 -14.26 -8.10
C GLY B 190 23.54 -15.33 -8.26
N SER B 191 23.25 -16.40 -9.01
CA SER B 191 24.19 -17.52 -9.28
C SER B 191 25.19 -17.09 -10.36
N THR B 192 26.19 -17.95 -10.64
CA THR B 192 27.19 -17.74 -11.72
C THR B 192 26.46 -17.65 -13.06
N LEU B 193 25.57 -18.61 -13.36
CA LEU B 193 24.90 -18.76 -14.68
C LEU B 193 23.67 -17.85 -14.75
N THR B 194 22.72 -18.01 -13.82
CA THR B 194 21.42 -17.27 -13.78
C THR B 194 21.56 -15.98 -12.95
N GLU B 195 21.31 -14.82 -13.58
CA GLU B 195 21.28 -13.50 -12.90
C GLU B 195 19.99 -13.42 -12.06
N ALA B 196 20.06 -12.69 -10.95
CA ALA B 196 18.92 -12.39 -10.04
C ALA B 196 17.77 -11.78 -10.84
N ALA B 197 16.52 -12.07 -10.44
CA ALA B 197 15.30 -11.35 -10.91
C ALA B 197 15.35 -9.91 -10.40
N GLN B 198 14.83 -8.96 -11.18
CA GLN B 198 14.65 -7.54 -10.81
C GLN B 198 15.98 -6.76 -10.83
N LEU B 199 17.06 -7.27 -11.47
CA LEU B 199 18.27 -6.46 -11.81
C LEU B 199 17.83 -5.27 -12.67
N ALA B 200 18.09 -4.06 -12.20
CA ALA B 200 17.87 -2.84 -12.99
C ALA B 200 18.64 -3.00 -14.29
N PRO B 201 18.04 -2.66 -15.45
CA PRO B 201 18.70 -2.89 -16.74
C PRO B 201 19.96 -2.06 -16.96
N PRO B 202 20.83 -2.45 -17.91
CA PRO B 202 21.99 -1.65 -18.28
C PRO B 202 21.54 -0.29 -18.86
N ILE B 203 22.37 0.73 -18.66
CA ILE B 203 22.19 2.11 -19.21
C ILE B 203 23.29 2.32 -20.26
N TYR B 204 22.90 2.77 -21.45
CA TYR B 204 23.81 3.05 -22.59
C TYR B 204 23.66 4.51 -22.97
N PRO B 205 24.73 5.22 -23.39
CA PRO B 205 24.56 6.52 -24.03
C PRO B 205 23.82 6.28 -25.34
N PRO B 206 22.75 7.06 -25.66
CA PRO B 206 21.84 6.71 -26.76
C PRO B 206 22.22 7.24 -28.16
N GLY B 207 23.40 7.84 -28.30
CA GLY B 207 23.95 8.33 -29.59
C GLY B 207 23.85 9.83 -29.68
N PHE B 208 23.99 10.42 -30.87
CA PHE B 208 23.92 11.89 -31.14
C PHE B 208 25.05 12.62 -30.40
N GLY B 209 26.21 11.97 -30.20
CA GLY B 209 27.38 12.53 -29.49
C GLY B 209 27.19 12.63 -27.98
N GLU B 210 26.17 11.97 -27.43
CA GLU B 210 25.77 12.11 -26.00
C GLU B 210 26.62 11.18 -25.14
N ALA B 211 27.04 11.67 -23.97
CA ALA B 211 27.74 10.90 -22.91
C ALA B 211 26.89 10.93 -21.63
N ILE B 212 26.86 9.84 -20.88
CA ILE B 212 26.11 9.77 -19.59
C ILE B 212 26.79 10.72 -18.60
N VAL B 213 26.00 11.53 -17.90
CA VAL B 213 26.47 12.43 -16.81
C VAL B 213 26.53 11.62 -15.50
N PHE B 214 27.68 11.61 -14.85
CA PHE B 214 27.93 10.92 -13.56
C PHE B 214 28.10 11.98 -12.46
N PHE B 215 27.36 11.82 -11.37
CA PHE B 215 27.43 12.67 -10.16
C PHE B 215 28.41 12.00 -9.19
N MET B 216 29.52 12.67 -8.89
CA MET B 216 30.68 12.09 -8.17
C MET B 216 30.64 12.54 -6.70
N SER B 217 30.87 11.60 -5.79
CA SER B 217 30.97 11.83 -4.34
C SER B 217 32.19 11.09 -3.80
N ASP B 218 32.83 11.63 -2.76
CA ASP B 218 33.92 10.94 -2.05
C ASP B 218 33.33 9.96 -1.05
N PHE B 219 33.91 8.77 -0.99
CA PHE B 219 33.63 7.71 0.01
C PHE B 219 34.96 7.14 0.47
N PRO B 220 35.09 6.65 1.73
CA PRO B 220 36.33 6.02 2.18
C PRO B 220 36.64 4.73 1.40
N ILE B 221 37.53 4.85 0.42
CA ILE B 221 37.99 3.73 -0.46
C ILE B 221 39.51 3.60 -0.36
N ALA B 222 39.99 2.44 0.10
CA ALA B 222 41.43 2.07 0.07
C ALA B 222 41.77 1.61 -1.34
N HIS B 223 42.75 2.25 -1.99
CA HIS B 223 43.25 1.92 -3.35
C HIS B 223 42.11 2.00 -4.36
N GLY B 224 41.39 3.13 -4.44
CA GLY B 224 40.30 3.32 -5.41
C GLY B 224 40.84 3.66 -6.79
N ALA B 225 40.22 3.12 -7.84
CA ALA B 225 40.62 3.35 -9.25
C ALA B 225 40.50 4.85 -9.56
N ASN B 226 39.55 5.55 -8.94
CA ASN B 226 39.37 7.02 -9.03
C ASN B 226 39.54 7.65 -7.64
N GLY B 227 40.47 7.13 -6.84
CA GLY B 227 40.69 7.56 -5.45
C GLY B 227 39.45 7.35 -4.60
N LEU B 228 38.87 8.42 -4.05
CA LEU B 228 37.69 8.35 -3.16
C LEU B 228 36.39 8.43 -3.97
N SER B 229 36.45 8.69 -5.28
CA SER B 229 35.29 9.06 -6.12
C SER B 229 34.42 7.83 -6.43
N VAL B 230 33.12 7.98 -6.20
CA VAL B 230 32.06 7.01 -6.58
C VAL B 230 31.10 7.74 -7.50
N PRO B 231 30.86 7.23 -8.73
CA PRO B 231 29.85 7.79 -9.62
C PRO B 231 28.45 7.23 -9.35
N CYS B 232 27.42 8.04 -9.63
CA CYS B 232 26.00 7.61 -9.70
C CYS B 232 25.34 8.38 -10.83
N THR B 233 24.15 7.95 -11.25
CA THR B 233 23.49 8.44 -12.49
C THR B 233 22.46 9.52 -12.14
N ILE B 234 22.09 9.68 -10.87
CA ILE B 234 21.10 10.70 -10.44
C ILE B 234 21.24 10.95 -8.94
N PRO B 235 21.10 12.20 -8.45
CA PRO B 235 21.11 12.46 -7.01
C PRO B 235 19.95 11.77 -6.28
N GLN B 236 20.19 11.32 -5.06
CA GLN B 236 19.18 10.59 -4.25
C GLN B 236 17.90 11.41 -4.18
N GLU B 237 18.02 12.73 -3.98
CA GLU B 237 16.84 13.61 -3.76
C GLU B 237 16.01 13.70 -5.04
N PHE B 238 16.62 13.47 -6.21
CA PHE B 238 15.91 13.34 -7.52
C PHE B 238 15.08 12.06 -7.53
N VAL B 239 15.66 10.96 -7.06
CA VAL B 239 14.93 9.66 -6.90
C VAL B 239 13.65 9.92 -6.11
N THR B 240 13.78 10.47 -4.90
CA THR B 240 12.65 10.71 -3.96
C THR B 240 11.60 11.59 -4.65
N HIS B 241 12.06 12.63 -5.34
CA HIS B 241 11.20 13.60 -6.07
C HIS B 241 10.31 12.86 -7.07
N PHE B 242 10.88 11.98 -7.90
CA PHE B 242 10.13 11.25 -8.95
C PHE B 242 9.14 10.29 -8.30
N VAL B 243 9.55 9.60 -7.22
CA VAL B 243 8.66 8.66 -6.48
C VAL B 243 7.50 9.47 -5.92
N ASN B 244 7.76 10.67 -5.39
CA ASN B 244 6.73 11.55 -4.81
C ASN B 244 5.75 12.03 -5.89
N GLU B 245 6.27 12.55 -7.01
CA GLU B 245 5.47 13.28 -8.04
C GLU B 245 4.64 12.30 -8.87
N GLN B 246 5.21 11.16 -9.26
CA GLN B 246 4.55 10.16 -10.15
C GLN B 246 4.05 10.87 -11.41
N ALA B 247 4.83 11.79 -11.97
CA ALA B 247 4.48 12.53 -13.21
C ALA B 247 4.50 11.56 -14.39
N PRO B 248 3.39 11.42 -15.15
CA PRO B 248 3.43 10.64 -16.39
C PRO B 248 4.56 11.11 -17.31
N THR B 249 5.33 10.16 -17.86
CA THR B 249 6.41 10.44 -18.84
C THR B 249 5.74 10.67 -20.20
N ARG B 250 5.79 11.91 -20.71
CA ARG B 250 5.04 12.35 -21.91
C ARG B 250 6.00 12.68 -23.06
N GLY B 251 7.22 12.14 -23.02
CA GLY B 251 8.24 12.35 -24.07
C GLY B 251 9.33 11.31 -23.99
N GLU B 252 10.17 11.25 -25.02
CA GLU B 252 11.29 10.28 -25.12
C GLU B 252 12.48 10.77 -24.29
N ALA B 253 12.55 12.07 -24.01
CA ALA B 253 13.57 12.68 -23.13
C ALA B 253 13.03 14.00 -22.56
N ALA B 254 13.42 14.32 -21.33
CA ALA B 254 13.16 15.62 -20.67
C ALA B 254 14.39 16.51 -20.88
N LEU B 255 14.24 17.62 -21.62
CA LEU B 255 15.29 18.64 -21.80
C LEU B 255 15.41 19.44 -20.51
N LEU B 256 16.63 19.53 -19.96
CA LEU B 256 16.95 20.31 -18.74
C LEU B 256 17.94 21.41 -19.10
N HIS B 257 17.87 22.53 -18.38
CA HIS B 257 18.96 23.54 -18.30
C HIS B 257 19.61 23.42 -16.92
N TYR B 258 20.95 23.47 -16.87
CA TYR B 258 21.72 23.66 -15.62
C TYR B 258 21.98 25.17 -15.45
N LEU B 259 21.35 25.77 -14.43
CA LEU B 259 21.37 27.24 -14.20
C LEU B 259 22.44 27.62 -13.16
N ASP B 260 23.16 28.70 -13.46
CA ASP B 260 24.24 29.29 -12.67
C ASP B 260 23.65 29.83 -11.37
N PRO B 261 24.24 29.50 -10.20
CA PRO B 261 23.68 29.93 -8.92
C PRO B 261 23.72 31.45 -8.68
N ASP B 262 24.69 32.15 -9.28
CA ASP B 262 24.90 33.61 -9.11
C ASP B 262 24.06 34.36 -10.14
N THR B 263 24.15 33.97 -11.42
CA THR B 263 23.63 34.78 -12.58
C THR B 263 22.24 34.27 -13.01
N HIS B 264 21.90 33.04 -12.64
CA HIS B 264 20.61 32.35 -12.93
C HIS B 264 20.47 32.10 -14.43
N ARG B 265 21.60 31.94 -15.15
CA ARG B 265 21.63 31.81 -16.63
C ARG B 265 22.00 30.36 -16.99
N ASN B 266 21.67 29.96 -18.23
CA ASN B 266 21.81 28.59 -18.76
C ASN B 266 23.30 28.28 -19.00
N LEU B 267 23.88 27.36 -18.23
CA LEU B 267 25.31 26.96 -18.36
C LEU B 267 25.46 25.72 -19.26
N GLY B 268 24.37 25.05 -19.60
CA GLY B 268 24.40 23.84 -20.46
C GLY B 268 23.04 23.17 -20.56
N GLU B 269 22.83 22.46 -21.66
CA GLU B 269 21.61 21.64 -21.94
C GLU B 269 21.93 20.17 -21.64
N PHE B 270 20.96 19.46 -21.07
CA PHE B 270 21.04 18.04 -20.67
C PHE B 270 19.74 17.34 -21.09
N LYS B 271 19.82 16.05 -21.41
CA LYS B 271 18.63 15.19 -21.63
C LYS B 271 18.56 14.15 -20.52
N LEU B 272 17.43 14.14 -19.81
CA LEU B 272 17.07 13.16 -18.76
C LEU B 272 16.10 12.16 -19.40
N TYR B 273 16.48 10.89 -19.47
CA TYR B 273 15.73 9.82 -20.20
C TYR B 273 14.74 9.17 -19.23
N PRO B 274 13.67 8.54 -19.76
CA PRO B 274 12.69 7.85 -18.92
C PRO B 274 13.30 6.86 -17.94
N GLU B 275 14.44 6.26 -18.30
CA GLU B 275 15.15 5.21 -17.50
C GLU B 275 15.87 5.86 -16.30
N GLY B 276 15.86 7.19 -16.21
CA GLY B 276 16.24 7.93 -14.98
C GLY B 276 17.70 8.37 -14.98
N PHE B 277 18.38 8.29 -16.12
CA PHE B 277 19.77 8.76 -16.29
C PHE B 277 19.78 9.99 -17.20
N MET B 278 20.86 10.75 -17.14
CA MET B 278 21.02 12.07 -17.79
C MET B 278 22.23 12.01 -18.73
N THR B 279 22.16 12.74 -19.85
CA THR B 279 23.28 12.89 -20.82
C THR B 279 23.52 14.37 -21.13
N CYS B 280 24.72 14.66 -21.64
CA CYS B 280 25.11 15.93 -22.31
C CYS B 280 25.93 15.59 -23.55
N VAL B 281 26.19 16.58 -24.40
CA VAL B 281 27.22 16.50 -25.49
C VAL B 281 28.44 17.27 -24.98
N PRO B 282 29.54 16.56 -24.58
CA PRO B 282 30.75 17.26 -24.14
C PRO B 282 31.39 17.98 -25.34
N ASN B 283 31.90 19.19 -25.12
CA ASN B 283 32.56 20.01 -26.16
C ASN B 283 33.83 19.25 -26.58
N SER B 284 33.92 18.93 -27.88
CA SER B 284 35.06 18.25 -28.53
C SER B 284 35.50 17.05 -27.68
N SER B 285 36.81 16.86 -27.49
CA SER B 285 37.39 15.84 -26.57
C SER B 285 37.67 16.51 -25.23
N GLY B 286 36.62 17.08 -24.62
CA GLY B 286 36.68 17.91 -23.40
C GLY B 286 35.97 17.26 -22.22
N THR B 287 36.13 17.85 -21.03
CA THR B 287 35.67 17.29 -19.74
C THR B 287 34.18 17.57 -19.53
N GLY B 288 33.54 18.34 -20.43
CA GLY B 288 32.09 18.58 -20.45
C GLY B 288 31.61 19.28 -19.17
N PRO B 289 30.70 18.64 -18.40
CA PRO B 289 30.11 19.26 -17.20
C PRO B 289 31.06 19.39 -16.00
N GLN B 290 32.25 18.79 -16.09
CA GLN B 290 33.29 18.79 -15.01
C GLN B 290 33.75 20.22 -14.69
N THR B 291 33.70 21.15 -15.65
CA THR B 291 34.16 22.55 -15.48
C THR B 291 33.02 23.45 -15.00
N LEU B 292 31.78 22.94 -14.97
CA LEU B 292 30.61 23.72 -14.46
C LEU B 292 30.71 23.81 -12.94
N PRO B 293 30.20 24.89 -12.31
CA PRO B 293 30.14 24.99 -10.86
C PRO B 293 29.12 23.97 -10.31
N ILE B 294 29.29 23.52 -9.06
CA ILE B 294 28.54 22.35 -8.50
C ILE B 294 27.37 22.87 -7.63
N ASN B 295 27.18 24.17 -7.53
CA ASN B 295 26.09 24.80 -6.72
C ASN B 295 25.02 25.35 -7.67
N GLY B 296 24.95 24.85 -8.90
CA GLY B 296 23.87 25.14 -9.87
C GLY B 296 22.64 24.30 -9.61
N VAL B 297 21.55 24.58 -10.33
CA VAL B 297 20.25 23.85 -10.21
C VAL B 297 19.81 23.42 -11.62
N PHE B 298 19.32 22.19 -11.75
CA PHE B 298 18.64 21.70 -12.97
C PHE B 298 17.20 22.23 -12.96
N VAL B 299 16.69 22.57 -14.14
CA VAL B 299 15.25 22.93 -14.35
C VAL B 299 14.77 22.21 -15.61
N PHE B 300 13.58 21.63 -15.53
CA PHE B 300 12.84 21.03 -16.68
C PHE B 300 12.44 22.17 -17.64
N VAL B 301 12.76 22.02 -18.93
CA VAL B 301 12.40 22.98 -20.01
C VAL B 301 11.16 22.45 -20.74
N SER B 302 11.25 21.26 -21.32
CA SER B 302 10.14 20.57 -22.04
C SER B 302 10.53 19.13 -22.38
N TRP B 303 9.54 18.33 -22.77
CA TRP B 303 9.71 17.00 -23.41
C TRP B 303 10.21 17.20 -24.84
N VAL B 304 11.22 16.44 -25.25
CA VAL B 304 11.79 16.46 -26.63
C VAL B 304 11.93 15.01 -27.12
N SER B 305 12.14 14.84 -28.42
CA SER B 305 12.38 13.53 -29.07
C SER B 305 13.75 13.01 -28.64
N ARG B 306 13.97 11.69 -28.77
CA ARG B 306 15.25 11.00 -28.42
C ARG B 306 16.39 11.52 -29.30
N PHE B 307 16.07 12.14 -30.45
CA PHE B 307 17.07 12.58 -31.45
C PHE B 307 17.25 14.10 -31.39
N TYR B 308 16.58 14.79 -30.47
CA TYR B 308 16.85 16.22 -30.17
C TYR B 308 18.35 16.38 -29.95
N GLN B 309 19.00 17.28 -30.69
CA GLN B 309 20.47 17.49 -30.67
C GLN B 309 20.78 18.59 -29.64
N LEU B 310 21.60 18.26 -28.64
CA LEU B 310 22.01 19.20 -27.56
C LEU B 310 23.20 20.03 -28.03
N LYS B 311 23.26 21.30 -27.60
CA LYS B 311 24.46 22.16 -27.76
C LYS B 311 25.56 21.57 -26.89
N PRO B 312 26.82 21.51 -27.38
CA PRO B 312 27.94 21.04 -26.56
C PRO B 312 28.13 21.84 -25.28
N VAL B 313 28.55 21.17 -24.19
CA VAL B 313 28.73 21.75 -22.84
C VAL B 313 30.20 21.67 -22.46
N GLY B 314 30.75 22.72 -21.84
CA GLY B 314 32.11 22.71 -21.22
C GLY B 314 33.15 23.35 -22.13
N THR B 315 34.40 22.88 -22.07
CA THR B 315 35.59 23.48 -22.74
C THR B 315 36.26 22.42 -23.63
N PRO C 13 1.11 26.33 -4.05
CA PRO C 13 0.18 25.56 -3.18
C PRO C 13 0.93 24.52 -2.33
N PHE C 14 0.66 24.52 -1.03
CA PHE C 14 1.40 23.73 -0.02
C PHE C 14 1.04 22.25 -0.19
N SER C 15 2.03 21.39 0.03
CA SER C 15 1.86 19.90 0.07
C SER C 15 2.91 19.31 1.01
N VAL C 16 2.66 18.08 1.44
CA VAL C 16 3.66 17.22 2.15
C VAL C 16 3.93 16.03 1.25
N PRO C 17 5.08 15.34 1.41
CA PRO C 17 5.38 14.15 0.62
C PRO C 17 4.26 13.09 0.69
N ASN C 18 3.87 12.57 -0.47
CA ASN C 18 2.91 11.45 -0.64
C ASN C 18 3.69 10.13 -0.60
N LEU C 19 4.42 9.90 0.49
CA LEU C 19 5.36 8.76 0.65
C LEU C 19 5.07 8.10 2.00
N PRO C 20 5.05 6.75 2.08
CA PRO C 20 4.80 6.08 3.34
C PRO C 20 5.93 6.33 4.37
N LEU C 21 5.55 6.57 5.63
CA LEU C 21 6.46 7.00 6.73
C LEU C 21 7.63 6.03 6.87
N ASN C 22 7.36 4.73 6.75
CA ASN C 22 8.32 3.64 7.02
C ASN C 22 9.45 3.62 5.97
N THR C 23 9.31 4.39 4.89
CA THR C 23 10.35 4.54 3.83
C THR C 23 11.16 5.83 4.02
N LEU C 24 10.80 6.66 5.01
CA LEU C 24 11.42 8.00 5.23
C LEU C 24 12.39 7.95 6.42
N SER C 25 13.28 8.95 6.50
CA SER C 25 14.37 9.02 7.50
C SER C 25 13.96 9.94 8.67
N ASN C 26 14.42 9.60 9.86
CA ASN C 26 14.59 10.53 11.01
C ASN C 26 15.38 11.73 10.50
N SER C 27 15.17 12.91 11.08
CA SER C 27 15.85 14.17 10.69
C SER C 27 16.96 14.51 11.69
N ARG C 28 17.20 13.68 12.70
CA ARG C 28 18.31 13.87 13.68
C ARG C 28 19.35 12.75 13.56
N VAL C 29 18.93 11.54 13.16
CA VAL C 29 19.85 10.42 12.86
C VAL C 29 19.46 9.83 11.51
N PRO C 30 20.43 9.38 10.70
CA PRO C 30 20.14 8.75 9.41
C PRO C 30 19.62 7.32 9.59
N SER C 31 18.35 7.19 9.93
CA SER C 31 17.67 5.91 10.22
C SER C 31 16.19 6.01 9.86
N LEU C 32 15.59 4.94 9.34
CA LEU C 32 14.18 4.93 8.88
C LEU C 32 13.25 5.18 10.08
N ILE C 33 12.12 5.84 9.84
CA ILE C 33 11.03 6.05 10.86
C ILE C 33 10.47 4.66 11.20
N ARG C 34 10.41 4.32 12.49
CA ARG C 34 9.91 3.01 12.97
C ARG C 34 8.54 3.19 13.61
N SER C 35 8.24 4.36 14.19
CA SER C 35 6.95 4.64 14.86
C SER C 35 6.75 6.14 15.06
N MET C 36 5.54 6.50 15.45
CA MET C 36 5.17 7.83 16.00
C MET C 36 4.84 7.67 17.48
N MET C 37 5.03 8.72 18.27
CA MET C 37 4.60 8.76 19.69
C MET C 37 4.39 10.22 20.12
N VAL C 38 3.60 10.38 21.17
CA VAL C 38 3.55 11.62 22.00
C VAL C 38 4.28 11.29 23.30
N SER C 39 4.81 12.30 23.98
CA SER C 39 5.60 12.16 25.23
C SER C 39 5.05 13.14 26.26
N ARG C 40 4.46 12.64 27.34
CA ARG C 40 4.05 13.48 28.50
C ARG C 40 5.32 13.99 29.20
N ASP C 41 6.31 13.12 29.38
CA ASP C 41 7.56 13.37 30.16
C ASP C 41 8.50 14.35 29.45
N HIS C 42 8.55 14.35 28.10
CA HIS C 42 9.55 15.12 27.31
C HIS C 42 8.88 16.09 26.32
N GLY C 43 7.57 16.00 26.11
CA GLY C 43 6.85 16.74 25.05
C GLY C 43 6.45 18.14 25.45
N GLN C 44 6.82 18.60 26.65
CA GLN C 44 6.51 19.96 27.17
C GLN C 44 7.35 21.00 26.42
N MET C 45 8.57 20.65 26.04
CA MET C 45 9.49 21.53 25.27
C MET C 45 10.61 20.68 24.67
N VAL C 46 10.92 20.92 23.40
CA VAL C 46 12.14 20.39 22.72
C VAL C 46 12.79 21.54 21.95
N GLN C 47 14.10 21.47 21.79
CA GLN C 47 14.88 22.48 21.01
C GLN C 47 15.91 21.74 20.15
N PHE C 48 15.50 20.65 19.51
CA PHE C 48 16.31 19.92 18.51
C PHE C 48 16.83 20.94 17.50
N GLN C 49 18.08 20.78 17.07
CA GLN C 49 18.76 21.71 16.11
C GLN C 49 18.75 21.11 14.69
N ASN C 50 18.53 19.80 14.56
CA ASN C 50 18.37 19.10 13.27
C ASN C 50 16.88 18.77 13.09
N GLY C 51 16.42 18.68 11.84
CA GLY C 51 14.99 18.49 11.50
C GLY C 51 14.20 19.76 11.71
N ARG C 52 14.86 20.91 11.63
CA ARG C 52 14.26 22.24 11.90
C ARG C 52 14.12 23.00 10.58
N VAL C 53 12.88 23.35 10.23
CA VAL C 53 12.51 23.94 8.92
C VAL C 53 11.13 24.60 9.08
N THR C 54 10.89 25.70 8.37
CA THR C 54 9.54 26.31 8.25
C THR C 54 8.79 25.60 7.11
N LEU C 55 7.46 25.73 7.07
CA LEU C 55 6.62 25.11 6.01
C LEU C 55 6.86 25.81 4.67
N ASP C 56 7.43 27.03 4.67
CA ASP C 56 7.77 27.77 3.43
C ASP C 56 9.24 27.55 3.05
N GLY C 57 9.94 26.65 3.75
CA GLY C 57 11.20 26.04 3.27
C GLY C 57 12.46 26.76 3.71
N GLN C 58 12.46 27.40 4.88
CA GLN C 58 13.65 28.03 5.50
C GLN C 58 14.29 27.04 6.49
N LEU C 59 15.52 26.58 6.21
CA LEU C 59 16.29 25.68 7.11
C LEU C 59 16.70 26.46 8.37
N GLN C 60 16.71 25.79 9.52
CA GLN C 60 17.01 26.39 10.84
C GLN C 60 18.01 25.49 11.59
N GLY C 61 18.63 26.03 12.64
CA GLY C 61 19.66 25.34 13.44
C GLY C 61 20.77 24.84 12.53
N THR C 62 21.07 23.54 12.60
CA THR C 62 22.16 22.87 11.84
C THR C 62 21.56 21.97 10.76
N THR C 63 20.26 22.10 10.48
CA THR C 63 19.47 21.20 9.62
C THR C 63 20.03 21.22 8.19
N PRO C 64 20.46 20.06 7.65
CA PRO C 64 20.84 19.98 6.23
C PRO C 64 19.64 19.69 5.30
N THR C 65 19.84 19.88 4.00
CA THR C 65 18.92 19.45 2.93
C THR C 65 18.87 17.92 2.89
N SER C 66 20.02 17.27 3.02
CA SER C 66 20.20 15.81 2.75
C SER C 66 20.45 15.05 4.05
N ALA C 67 19.84 13.87 4.19
CA ALA C 67 20.09 12.90 5.27
C ALA C 67 21.57 12.50 5.28
N SER C 68 22.25 12.59 4.13
CA SER C 68 23.68 12.19 3.97
C SER C 68 24.62 13.19 4.67
N GLN C 69 24.12 14.36 5.09
CA GLN C 69 24.93 15.37 5.83
C GLN C 69 24.74 15.18 7.34
N LEU C 70 23.74 14.38 7.77
CA LEU C 70 23.33 14.25 9.20
C LEU C 70 24.38 13.48 9.99
N CYS C 71 24.73 13.99 11.18
CA CYS C 71 25.59 13.33 12.20
C CYS C 71 26.99 13.10 11.64
N LYS C 72 27.47 14.07 10.85
CA LYS C 72 28.86 14.09 10.33
C LYS C 72 29.57 15.35 10.82
N ILE C 73 30.88 15.22 11.01
CA ILE C 73 31.80 16.30 11.44
C ILE C 73 32.98 16.29 10.47
N ARG C 74 33.39 17.47 10.01
CA ARG C 74 34.61 17.63 9.16
C ARG C 74 35.51 18.66 9.84
N GLY C 75 36.81 18.40 9.83
CA GLY C 75 37.80 19.31 10.43
C GLY C 75 39.23 18.85 10.21
N SER C 76 40.17 19.69 10.63
CA SER C 76 41.63 19.46 10.58
C SER C 76 42.11 19.15 12.00
N VAL C 77 42.91 18.10 12.15
CA VAL C 77 43.41 17.62 13.47
C VAL C 77 44.31 18.70 14.06
N PHE C 78 44.11 19.03 15.33
CA PHE C 78 45.06 19.82 16.17
C PHE C 78 45.55 18.93 17.31
N HIS C 79 46.78 19.19 17.77
CA HIS C 79 47.34 18.74 19.06
C HIS C 79 47.67 20.01 19.86
N ALA C 80 46.95 20.28 20.95
CA ALA C 80 47.19 21.49 21.76
C ALA C 80 46.97 21.17 23.24
N ASN C 81 47.90 21.58 24.11
CA ASN C 81 47.73 21.57 25.58
C ASN C 81 47.38 20.15 26.07
N GLY C 82 47.91 19.13 25.39
CA GLY C 82 47.76 17.71 25.79
C GLY C 82 46.38 17.15 25.44
N GLY C 83 45.58 17.87 24.64
CA GLY C 83 44.31 17.41 24.07
C GLY C 83 44.33 17.48 22.55
N ASN C 84 43.70 16.50 21.91
CA ASN C 84 43.62 16.40 20.43
C ASN C 84 42.16 16.59 20.00
N GLY C 85 41.94 17.06 18.77
CA GLY C 85 40.59 17.29 18.23
C GLY C 85 40.61 17.90 16.85
N TYR C 86 39.52 18.56 16.47
CA TYR C 86 39.30 19.12 15.11
C TYR C 86 39.04 20.63 15.19
N ASN C 87 39.71 21.37 14.32
CA ASN C 87 39.28 22.72 13.88
C ASN C 87 38.23 22.50 12.79
N LEU C 88 36.97 22.80 13.11
CA LEU C 88 35.79 22.38 12.31
C LEU C 88 35.71 23.20 11.01
N THR C 89 35.26 22.57 9.93
CA THR C 89 34.77 23.21 8.69
C THR C 89 33.36 22.71 8.41
N GLU C 90 32.71 23.21 7.36
CA GLU C 90 31.48 22.61 6.80
C GLU C 90 31.88 21.27 6.15
N LEU C 91 30.91 20.37 5.93
CA LEU C 91 31.14 19.00 5.41
C LEU C 91 31.73 19.06 3.99
N ASP C 92 31.44 20.13 3.23
CA ASP C 92 31.94 20.31 1.83
C ASP C 92 33.37 20.89 1.84
N GLY C 93 33.92 21.19 3.02
CA GLY C 93 35.30 21.68 3.20
C GLY C 93 35.38 23.19 3.30
N SER C 94 34.29 23.91 2.98
CA SER C 94 34.24 25.39 3.05
C SER C 94 34.28 25.85 4.50
N PRO C 95 34.72 27.09 4.78
CA PRO C 95 34.99 27.52 6.15
C PRO C 95 33.75 27.54 7.05
N TYR C 96 33.90 27.14 8.32
CA TYR C 96 32.82 27.26 9.33
C TYR C 96 32.93 28.66 9.95
N HIS C 97 31.85 29.44 9.88
CA HIS C 97 31.81 30.83 10.39
C HIS C 97 31.20 30.86 11.80
N ALA C 98 32.03 31.20 12.80
CA ALA C 98 31.90 30.81 14.22
C ALA C 98 30.64 31.39 14.87
N PHE C 99 30.12 32.52 14.39
CA PHE C 99 29.08 33.30 15.13
C PHE C 99 27.87 33.58 14.20
N GLU C 100 27.35 32.51 13.60
CA GLU C 100 26.26 32.57 12.58
C GLU C 100 25.28 31.40 12.73
N SER C 101 25.79 30.22 13.08
CA SER C 101 25.00 29.00 13.43
C SER C 101 25.57 28.33 14.67
N PRO C 102 24.84 27.43 15.36
CA PRO C 102 25.33 26.78 16.57
C PRO C 102 26.53 25.85 16.35
N ALA C 103 26.68 25.34 15.12
CA ALA C 103 27.71 24.36 14.73
C ALA C 103 27.67 24.22 13.20
N PRO C 104 28.63 23.54 12.57
CA PRO C 104 28.54 23.27 11.13
C PRO C 104 27.21 22.55 10.81
N ILE C 105 26.71 22.70 9.59
CA ILE C 105 25.48 22.01 9.10
C ILE C 105 25.67 20.49 9.26
N GLY C 106 24.65 19.79 9.80
CA GLY C 106 24.65 18.33 9.96
C GLY C 106 25.31 17.86 11.25
N PHE C 107 25.90 18.77 12.02
CA PHE C 107 26.56 18.45 13.31
C PHE C 107 25.53 17.75 14.19
N PRO C 108 25.89 16.63 14.87
CA PRO C 108 24.92 15.91 15.68
C PRO C 108 24.33 16.79 16.78
N ASP C 109 23.06 16.59 17.12
CA ASP C 109 22.37 17.34 18.20
C ASP C 109 21.95 16.38 19.32
N LEU C 110 22.65 15.25 19.49
CA LEU C 110 22.42 14.33 20.64
C LEU C 110 23.25 14.81 21.82
N GLY C 111 22.62 15.52 22.76
CA GLY C 111 23.28 16.19 23.90
C GLY C 111 23.71 15.20 24.97
N GLU C 112 24.75 15.56 25.73
CA GLU C 112 25.17 14.94 27.01
C GLU C 112 25.34 13.42 26.85
N CYS C 113 26.15 13.02 25.87
CA CYS C 113 26.57 11.61 25.65
C CYS C 113 27.90 11.60 24.90
N ASP C 114 28.56 10.45 24.88
CA ASP C 114 29.80 10.22 24.09
C ASP C 114 29.39 9.90 22.64
N TRP C 115 30.07 10.51 21.67
CA TRP C 115 29.91 10.23 20.23
C TRP C 115 31.07 9.35 19.76
N HIS C 116 30.81 8.07 19.53
CA HIS C 116 31.76 7.12 18.92
C HIS C 116 31.61 7.23 17.40
N MET C 117 32.67 7.71 16.74
CA MET C 117 32.63 8.07 15.30
C MET C 117 33.77 7.36 14.59
N GLU C 118 33.61 7.11 13.29
CA GLU C 118 34.69 6.63 12.40
C GLU C 118 35.16 7.80 11.56
N ALA C 119 36.44 8.17 11.71
CA ALA C 119 37.10 9.30 11.02
C ALA C 119 37.98 8.74 9.90
N SER C 120 37.83 9.29 8.69
CA SER C 120 38.63 8.92 7.49
C SER C 120 39.21 10.19 6.85
N PRO C 121 40.40 10.09 6.21
CA PRO C 121 40.96 11.24 5.49
C PRO C 121 40.04 11.67 4.34
N THR C 122 40.08 12.96 4.00
CA THR C 122 39.32 13.53 2.86
C THR C 122 40.19 13.49 1.59
N THR C 123 41.37 12.88 1.70
CA THR C 123 42.34 12.61 0.62
C THR C 123 42.40 11.09 0.40
N GLN C 124 42.49 10.68 -0.87
CA GLN C 124 42.72 9.27 -1.31
C GLN C 124 43.77 8.62 -0.39
N PHE C 125 43.56 7.36 0.02
CA PHE C 125 44.50 6.58 0.88
C PHE C 125 44.60 5.14 0.36
N ASP C 126 45.60 4.41 0.84
CA ASP C 126 46.02 3.08 0.32
C ASP C 126 45.61 1.96 1.29
N THR C 127 45.47 2.28 2.57
CA THR C 127 45.31 1.29 3.67
C THR C 127 44.23 1.78 4.65
N GLY C 128 43.56 0.86 5.34
CA GLY C 128 42.55 1.16 6.39
C GLY C 128 43.17 1.65 7.69
N ASP C 129 44.50 1.64 7.79
CA ASP C 129 45.27 2.08 9.00
C ASP C 129 45.00 3.56 9.28
N VAL C 130 44.68 4.35 8.24
CA VAL C 130 44.44 5.83 8.36
C VAL C 130 43.02 6.10 8.86
N ILE C 131 42.17 5.07 8.93
CA ILE C 131 40.78 5.19 9.45
C ILE C 131 40.82 4.97 10.97
N LYS C 132 40.27 5.92 11.73
CA LYS C 132 40.37 5.97 13.21
C LYS C 132 38.98 5.89 13.84
N GLN C 133 38.84 5.07 14.88
CA GLN C 133 37.68 5.07 15.80
C GLN C 133 37.94 6.17 16.84
N ILE C 134 37.13 7.22 16.83
CA ILE C 134 37.32 8.40 17.73
C ILE C 134 36.13 8.47 18.69
N ASN C 135 36.34 9.13 19.82
CA ASN C 135 35.30 9.39 20.85
C ASN C 135 35.27 10.89 21.12
N VAL C 136 34.16 11.54 20.79
CA VAL C 136 33.92 12.99 21.10
C VAL C 136 33.07 13.03 22.37
N LYS C 137 33.65 13.56 23.46
CA LYS C 137 32.96 13.76 24.76
C LYS C 137 32.45 15.21 24.81
N GLN C 138 31.32 15.43 25.47
CA GLN C 138 30.76 16.80 25.67
C GLN C 138 31.22 17.29 27.04
N GLU C 139 32.49 17.67 27.11
CA GLU C 139 33.20 18.19 28.31
C GLU C 139 33.68 19.62 28.00
N ALA C 140 34.64 20.15 28.76
CA ALA C 140 35.02 21.58 28.76
C ALA C 140 35.49 22.02 27.37
N ALA C 141 36.17 21.14 26.62
CA ALA C 141 36.82 21.44 25.32
C ALA C 141 35.87 21.17 24.14
N PHE C 142 34.60 20.83 24.41
CA PHE C 142 33.53 20.70 23.38
C PHE C 142 32.93 22.09 23.11
N ALA C 143 33.39 22.76 22.05
CA ALA C 143 33.03 24.16 21.71
C ALA C 143 32.74 24.29 20.21
N PRO C 144 31.74 23.55 19.67
CA PRO C 144 31.46 23.57 18.24
C PRO C 144 31.11 24.97 17.71
N HIS C 145 30.44 25.80 18.52
CA HIS C 145 30.07 27.18 18.14
C HIS C 145 31.33 28.03 17.92
N LEU C 146 32.41 27.74 18.64
CA LEU C 146 33.73 28.42 18.49
C LEU C 146 34.60 27.66 17.48
N GLY C 147 34.10 26.55 16.94
CA GLY C 147 34.69 25.83 15.80
C GLY C 147 35.74 24.82 16.23
N THR C 148 35.71 24.35 17.48
CA THR C 148 36.70 23.38 18.02
C THR C 148 36.01 22.33 18.90
N ILE C 149 36.36 21.06 18.71
CA ILE C 149 35.97 19.93 19.62
C ILE C 149 37.21 19.09 19.89
N GLN C 150 37.26 18.47 21.07
CA GLN C 150 38.31 17.49 21.45
C GLN C 150 37.77 16.10 21.10
N ALA C 151 38.66 15.16 20.77
CA ALA C 151 38.31 13.76 20.46
C ALA C 151 39.46 12.84 20.89
N ASP C 152 39.13 11.73 21.55
CA ASP C 152 40.07 10.59 21.77
C ASP C 152 40.21 9.83 20.46
N GLY C 153 41.41 9.30 20.19
CA GLY C 153 41.71 8.43 19.04
C GLY C 153 42.46 9.14 17.94
N LEU C 154 42.94 10.37 18.18
CA LEU C 154 43.63 11.21 17.17
C LEU C 154 45.10 11.42 17.50
N SER C 155 45.62 10.83 18.59
CA SER C 155 47.00 11.06 19.09
C SER C 155 48.04 10.75 18.01
N ASP C 156 47.78 9.73 17.17
CA ASP C 156 48.75 9.22 16.16
C ASP C 156 48.47 9.83 14.78
N VAL C 157 47.55 10.79 14.67
CA VAL C 157 47.24 11.49 13.38
C VAL C 157 48.01 12.81 13.34
N SER C 158 48.73 13.06 12.25
CA SER C 158 49.52 14.30 12.00
C SER C 158 48.61 15.52 12.12
N VAL C 159 49.16 16.60 12.69
CA VAL C 159 48.47 17.93 12.79
C VAL C 159 48.04 18.37 11.39
N ASN C 160 46.84 18.93 11.28
CA ASN C 160 46.24 19.51 10.05
C ASN C 160 45.81 18.41 9.07
N THR C 161 45.78 17.14 9.47
CA THR C 161 45.13 16.07 8.66
C THR C 161 43.63 16.37 8.60
N ASN C 162 43.11 16.57 7.40
CA ASN C 162 41.68 16.87 7.14
C ASN C 162 40.90 15.54 7.12
N MET C 163 39.85 15.45 7.92
CA MET C 163 39.08 14.19 8.13
C MET C 163 37.58 14.48 8.14
N ILE C 164 36.78 13.49 7.71
CA ILE C 164 35.31 13.44 7.95
C ILE C 164 35.08 12.32 8.97
N ALA C 165 34.35 12.62 10.04
CA ALA C 165 33.92 11.66 11.09
C ALA C 165 32.42 11.44 10.96
N LYS C 166 31.99 10.18 11.00
CA LYS C 166 30.58 9.75 10.83
C LYS C 166 30.14 9.06 12.12
N LEU C 167 29.04 9.50 12.72
CA LEU C 167 28.55 8.96 14.01
C LEU C 167 28.15 7.49 13.80
N GLY C 168 28.76 6.59 14.59
CA GLY C 168 28.46 5.15 14.57
C GLY C 168 27.48 4.77 15.68
N TRP C 169 27.80 5.17 16.91
CA TRP C 169 27.00 4.87 18.12
C TRP C 169 27.27 5.90 19.22
N VAL C 170 26.38 5.99 20.20
CA VAL C 170 26.50 6.90 21.38
C VAL C 170 26.37 6.09 22.66
N SER C 171 27.01 6.54 23.73
CA SER C 171 27.05 5.88 25.05
C SER C 171 26.98 6.93 26.14
N PRO C 172 26.72 6.54 27.42
CA PRO C 172 26.63 7.50 28.51
C PRO C 172 27.90 8.33 28.66
N ALA C 173 27.76 9.60 29.08
CA ALA C 173 28.86 10.57 29.25
C ALA C 173 30.00 9.93 30.06
N SER C 174 31.23 10.00 29.53
CA SER C 174 32.45 9.43 30.16
C SER C 174 32.64 9.97 31.60
N ASP C 175 32.21 11.21 31.87
CA ASP C 175 32.41 11.88 33.18
C ASP C 175 31.41 11.36 34.23
N GLY C 176 30.41 10.57 33.79
CA GLY C 176 29.48 9.85 34.69
C GLY C 176 28.40 10.74 35.29
N HIS C 177 28.23 11.97 34.82
CA HIS C 177 27.23 12.95 35.36
C HIS C 177 25.82 12.46 35.07
N ARG C 178 25.67 11.46 34.20
CA ARG C 178 24.40 10.83 33.77
C ARG C 178 24.66 9.33 33.57
N GLY C 179 23.69 8.49 33.93
CA GLY C 179 23.81 7.02 33.86
C GLY C 179 23.41 6.47 32.50
N ASN C 180 22.53 7.17 31.77
CA ASN C 180 21.97 6.71 30.48
C ASN C 180 22.16 7.80 29.42
N VAL C 181 21.83 7.47 28.16
CA VAL C 181 21.77 8.43 27.02
C VAL C 181 20.33 8.94 26.92
N ASP C 182 20.12 10.25 27.12
CA ASP C 182 18.80 10.90 26.96
C ASP C 182 18.75 11.54 25.58
N PRO C 183 18.01 10.93 24.62
CA PRO C 183 17.96 11.43 23.25
C PRO C 183 17.01 12.62 23.05
N TRP C 184 16.48 13.19 24.15
CA TRP C 184 15.60 14.39 24.13
C TRP C 184 16.42 15.66 24.38
N VAL C 185 17.68 15.49 24.83
CA VAL C 185 18.58 16.58 25.26
C VAL C 185 19.46 17.00 24.07
N ILE C 186 19.64 18.31 23.86
CA ILE C 186 20.54 18.86 22.82
C ILE C 186 21.88 19.21 23.48
N PRO C 187 22.98 19.35 22.71
CA PRO C 187 24.27 19.73 23.27
C PRO C 187 24.26 21.19 23.79
N ARG C 188 25.24 21.52 24.63
CA ARG C 188 25.65 22.90 24.96
C ARG C 188 26.76 23.28 23.96
N TYR C 189 26.45 24.12 22.97
CA TYR C 189 27.28 24.31 21.76
C TYR C 189 28.40 25.33 22.03
N GLY C 190 28.26 26.08 23.12
CA GLY C 190 29.00 27.32 23.43
C GLY C 190 28.56 27.87 24.78
N SER C 191 29.45 28.60 25.46
CA SER C 191 29.26 29.15 26.84
C SER C 191 28.91 30.64 26.77
N THR C 192 28.96 31.23 25.57
CA THR C 192 28.68 32.67 25.32
C THR C 192 27.26 33.02 25.76
N LEU C 193 27.04 34.30 26.09
CA LEU C 193 25.73 34.86 26.55
C LEU C 193 24.77 35.03 25.36
N ALA C 197 19.89 31.70 21.31
CA ALA C 197 19.53 32.85 20.45
C ALA C 197 20.01 32.64 19.01
N GLN C 198 21.15 31.96 18.83
CA GLN C 198 21.66 31.44 17.54
C GLN C 198 21.02 30.06 17.24
N LEU C 199 20.48 29.43 18.28
CA LEU C 199 19.77 28.13 18.21
C LEU C 199 18.44 28.31 17.45
N ALA C 200 18.00 27.28 16.72
CA ALA C 200 16.59 27.07 16.34
C ALA C 200 15.75 27.21 17.61
N PRO C 201 14.62 27.95 17.58
CA PRO C 201 13.86 28.23 18.80
C PRO C 201 13.23 26.99 19.44
N PRO C 202 12.86 27.05 20.73
CA PRO C 202 12.14 25.95 21.37
C PRO C 202 10.76 25.72 20.70
N ILE C 203 10.29 24.48 20.72
CA ILE C 203 8.94 24.07 20.23
C ILE C 203 8.12 23.67 21.46
N TYR C 204 6.90 24.21 21.58
CA TYR C 204 5.96 23.95 22.69
C TYR C 204 4.66 23.37 22.13
N PRO C 205 3.96 22.47 22.87
CA PRO C 205 2.60 22.08 22.50
C PRO C 205 1.72 23.32 22.56
N PRO C 206 0.89 23.61 21.54
CA PRO C 206 0.21 24.90 21.45
C PRO C 206 -1.16 25.01 22.17
N GLY C 207 -1.60 23.97 22.88
CA GLY C 207 -2.91 23.95 23.57
C GLY C 207 -3.96 23.15 22.82
N PHE C 208 -5.23 23.25 23.23
CA PHE C 208 -6.40 22.60 22.59
C PHE C 208 -6.30 21.08 22.68
N GLY C 209 -5.68 20.55 23.74
CA GLY C 209 -5.48 19.10 23.98
C GLY C 209 -4.40 18.49 23.08
N GLU C 210 -3.62 19.32 22.38
CA GLU C 210 -2.66 18.87 21.34
C GLU C 210 -1.33 18.49 21.99
N ALA C 211 -0.74 17.39 21.53
CA ALA C 211 0.62 16.93 21.90
C ALA C 211 1.49 16.91 20.64
N ILE C 212 2.77 17.27 20.79
CA ILE C 212 3.76 17.22 19.68
C ILE C 212 3.92 15.77 19.26
N VAL C 213 3.86 15.49 17.95
CA VAL C 213 4.12 14.14 17.37
C VAL C 213 5.63 14.01 17.17
N PHE C 214 6.20 12.94 17.71
CA PHE C 214 7.63 12.58 17.57
C PHE C 214 7.73 11.36 16.65
N PHE C 215 8.59 11.46 15.63
CA PHE C 215 8.90 10.35 14.70
C PHE C 215 10.13 9.64 15.25
N MET C 216 9.97 8.36 15.60
CA MET C 216 10.98 7.59 16.36
C MET C 216 11.72 6.68 15.38
N SER C 217 13.04 6.66 15.51
CA SER C 217 13.96 5.77 14.75
C SER C 217 14.91 5.09 15.73
N ASP C 218 15.33 3.87 15.40
CA ASP C 218 16.39 3.16 16.17
C ASP C 218 17.74 3.69 15.68
N PHE C 219 18.63 3.94 16.65
CA PHE C 219 20.05 4.27 16.43
C PHE C 219 20.86 3.43 17.40
N PRO C 220 22.12 3.06 17.08
CA PRO C 220 22.96 2.33 18.03
C PRO C 220 23.28 3.19 19.26
N ILE C 221 22.55 2.94 20.35
CA ILE C 221 22.68 3.66 21.66
C ILE C 221 22.96 2.62 22.74
N ALA C 222 24.12 2.74 23.41
CA ALA C 222 24.43 1.97 24.64
C ALA C 222 23.71 2.63 25.82
N HIS C 223 22.85 1.89 26.52
CA HIS C 223 22.12 2.33 27.74
C HIS C 223 21.29 3.58 27.43
N GLY C 224 20.40 3.51 26.45
CA GLY C 224 19.48 4.60 26.09
C GLY C 224 18.29 4.66 27.03
N ALA C 225 17.85 5.86 27.38
CA ALA C 225 16.66 6.12 28.23
C ALA C 225 15.42 5.50 27.58
N ASN C 226 15.36 5.50 26.24
CA ASN C 226 14.27 4.85 25.44
C ASN C 226 14.88 3.74 24.58
N GLY C 227 15.87 3.01 25.11
CA GLY C 227 16.60 1.97 24.36
C GLY C 227 17.30 2.56 23.15
N LEU C 228 16.94 2.11 21.95
CA LEU C 228 17.57 2.55 20.67
C LEU C 228 16.84 3.77 20.10
N SER C 229 15.73 4.20 20.69
CA SER C 229 14.80 5.19 20.08
C SER C 229 15.35 6.60 20.18
N VAL C 230 15.34 7.32 19.05
CA VAL C 230 15.66 8.77 18.92
C VAL C 230 14.44 9.45 18.33
N PRO C 231 13.87 10.48 19.00
CA PRO C 231 12.78 11.26 18.45
C PRO C 231 13.25 12.40 17.55
N CYS C 232 12.42 12.78 16.58
CA CYS C 232 12.56 14.02 15.78
C CYS C 232 11.17 14.56 15.49
N THR C 233 11.06 15.80 15.02
CA THR C 233 9.77 16.52 14.91
C THR C 233 9.22 16.45 13.48
N ILE C 234 10.03 16.02 12.51
CA ILE C 234 9.59 15.90 11.09
C ILE C 234 10.54 14.97 10.33
N PRO C 235 10.04 14.12 9.41
CA PRO C 235 10.91 13.31 8.57
C PRO C 235 11.84 14.15 7.68
N GLN C 236 13.07 13.70 7.46
CA GLN C 236 14.09 14.44 6.66
C GLN C 236 13.50 14.79 5.28
N GLU C 237 12.77 13.86 4.67
CA GLU C 237 12.27 14.02 3.29
C GLU C 237 11.20 15.12 3.27
N PHE C 238 10.53 15.38 4.40
CA PHE C 238 9.60 16.53 4.58
C PHE C 238 10.41 17.84 4.55
N VAL C 239 11.53 17.88 5.27
CA VAL C 239 12.47 19.04 5.27
C VAL C 239 12.80 19.39 3.81
N THR C 240 13.35 18.43 3.06
CA THR C 240 13.82 18.61 1.66
C THR C 240 12.64 19.12 0.82
N HIS C 241 11.46 18.51 0.99
CA HIS C 241 10.22 18.84 0.25
C HIS C 241 9.90 20.33 0.43
N PHE C 242 9.91 20.84 1.66
CA PHE C 242 9.56 22.26 1.96
C PHE C 242 10.63 23.18 1.37
N VAL C 243 11.91 22.81 1.48
CA VAL C 243 13.03 23.62 0.91
C VAL C 243 12.83 23.68 -0.61
N ASN C 244 12.44 22.57 -1.23
CA ASN C 244 12.22 22.50 -2.70
C ASN C 244 11.02 23.36 -3.11
N GLU C 245 9.88 23.21 -2.43
CA GLU C 245 8.57 23.78 -2.85
C GLU C 245 8.51 25.28 -2.58
N GLN C 246 9.02 25.73 -1.42
CA GLN C 246 8.93 27.16 -0.98
C GLN C 246 7.47 27.64 -1.07
N ALA C 247 6.52 26.80 -0.67
CA ALA C 247 5.07 27.13 -0.68
C ALA C 247 4.79 28.20 0.37
N PRO C 248 4.20 29.35 -0.02
CA PRO C 248 3.77 30.36 0.97
C PRO C 248 2.86 29.73 2.04
N THR C 249 3.13 30.02 3.31
CA THR C 249 2.29 29.61 4.46
C THR C 249 1.08 30.55 4.51
N ARG C 250 -0.12 30.04 4.25
CA ARG C 250 -1.36 30.84 4.10
C ARG C 250 -2.35 30.52 5.25
N GLY C 251 -1.86 30.00 6.37
CA GLY C 251 -2.72 29.65 7.53
C GLY C 251 -1.92 29.46 8.79
N GLU C 252 -2.60 29.35 9.93
CA GLU C 252 -1.97 29.19 11.27
C GLU C 252 -1.54 27.74 11.48
N ALA C 253 -2.18 26.81 10.77
CA ALA C 253 -1.85 25.37 10.79
C ALA C 253 -2.33 24.72 9.50
N ALA C 254 -1.58 23.73 9.01
CA ALA C 254 -1.96 22.85 7.88
C ALA C 254 -2.59 21.59 8.45
N LEU C 255 -3.87 21.38 8.18
CA LEU C 255 -4.61 20.15 8.56
C LEU C 255 -4.16 19.02 7.63
N LEU C 256 -3.72 17.91 8.21
CA LEU C 256 -3.30 16.69 7.46
C LEU C 256 -4.23 15.54 7.83
N HIS C 257 -4.47 14.62 6.90
CA HIS C 257 -4.99 13.26 7.17
C HIS C 257 -3.83 12.28 7.01
N TYR C 258 -3.73 11.31 7.92
CA TYR C 258 -2.85 10.14 7.82
C TYR C 258 -3.67 9.00 7.24
N LEU C 259 -3.43 8.64 5.98
CA LEU C 259 -4.22 7.67 5.19
C LEU C 259 -3.51 6.32 5.16
N ASP C 260 -4.23 5.23 5.32
CA ASP C 260 -3.68 3.89 5.00
C ASP C 260 -3.90 3.66 3.51
N PRO C 261 -2.83 3.58 2.69
CA PRO C 261 -2.98 3.47 1.24
C PRO C 261 -3.47 2.08 0.81
N ASP C 262 -3.32 1.06 1.66
CA ASP C 262 -3.70 -0.35 1.38
C ASP C 262 -5.20 -0.57 1.67
N THR C 263 -5.70 -0.03 2.78
CA THR C 263 -7.11 -0.20 3.26
C THR C 263 -8.01 0.94 2.79
N HIS C 264 -7.43 2.07 2.38
CA HIS C 264 -8.15 3.27 1.87
C HIS C 264 -8.93 3.94 3.01
N ARG C 265 -8.43 3.83 4.25
CA ARG C 265 -9.06 4.40 5.47
C ARG C 265 -8.26 5.62 5.94
N ASN C 266 -8.95 6.68 6.37
CA ASN C 266 -8.39 7.85 7.12
C ASN C 266 -8.15 7.43 8.57
N LEU C 267 -6.88 7.38 9.00
CA LEU C 267 -6.49 6.81 10.32
C LEU C 267 -6.39 7.92 11.38
N GLY C 268 -6.43 9.19 11.01
CA GLY C 268 -6.33 10.28 12.00
C GLY C 268 -6.01 11.65 11.43
N GLU C 269 -6.39 12.69 12.17
CA GLU C 269 -6.16 14.12 11.83
C GLU C 269 -4.95 14.64 12.60
N PHE C 270 -4.14 15.47 11.94
CA PHE C 270 -2.91 16.08 12.48
C PHE C 270 -2.86 17.55 12.07
N LYS C 271 -2.22 18.40 12.88
CA LYS C 271 -1.95 19.81 12.52
C LYS C 271 -0.43 19.99 12.43
N LEU C 272 0.03 20.46 11.27
CA LEU C 272 1.43 20.83 10.97
C LEU C 272 1.52 22.36 11.04
N TYR C 273 2.32 22.88 11.97
CA TYR C 273 2.43 24.33 12.28
C TYR C 273 3.51 24.96 11.40
N PRO C 274 3.45 26.29 11.16
CA PRO C 274 4.45 26.99 10.34
C PRO C 274 5.90 26.73 10.79
N GLU C 275 6.10 26.48 12.08
CA GLU C 275 7.43 26.27 12.70
C GLU C 275 7.99 24.88 12.35
N GLY C 276 7.19 24.05 11.66
CA GLY C 276 7.65 22.80 11.01
C GLY C 276 7.48 21.58 11.89
N PHE C 277 6.72 21.69 12.98
CA PHE C 277 6.39 20.54 13.86
C PHE C 277 4.90 20.21 13.74
N MET C 278 4.55 18.99 14.15
CA MET C 278 3.22 18.38 13.93
C MET C 278 2.62 18.02 15.30
N THR C 279 1.30 18.12 15.43
CA THR C 279 0.56 17.73 16.65
C THR C 279 -0.62 16.82 16.29
N CYS C 280 -1.10 16.07 17.28
CA CYS C 280 -2.39 15.36 17.29
C CYS C 280 -3.05 15.58 18.66
N VAL C 281 -4.32 15.20 18.79
CA VAL C 281 -5.02 15.03 20.10
C VAL C 281 -5.03 13.54 20.42
N PRO C 282 -4.20 13.07 21.38
CA PRO C 282 -4.22 11.67 21.78
C PRO C 282 -5.56 11.32 22.45
N ASN C 283 -6.10 10.15 22.15
CA ASN C 283 -7.38 9.65 22.72
C ASN C 283 -7.15 9.48 24.23
N SER C 284 -7.91 10.21 25.05
CA SER C 284 -8.09 10.00 26.52
C SER C 284 -6.74 9.77 27.20
N SER C 285 -6.61 8.74 28.04
CA SER C 285 -5.36 8.30 28.71
C SER C 285 -4.70 7.22 27.84
N GLY C 286 -4.46 7.54 26.56
CA GLY C 286 -3.93 6.62 25.53
C GLY C 286 -2.58 7.05 25.00
N THR C 287 -1.89 6.16 24.28
CA THR C 287 -0.54 6.36 23.68
C THR C 287 -0.66 7.11 22.35
N GLY C 288 -1.88 7.45 21.93
CA GLY C 288 -2.19 8.26 20.73
C GLY C 288 -1.67 7.61 19.46
N PRO C 289 -0.76 8.28 18.72
CA PRO C 289 -0.34 7.81 17.39
C PRO C 289 0.57 6.57 17.44
N GLN C 290 1.00 6.15 18.64
CA GLN C 290 1.91 5.01 18.87
C GLN C 290 1.27 3.69 18.41
N THR C 291 -0.06 3.59 18.41
CA THR C 291 -0.81 2.37 18.01
C THR C 291 -1.12 2.39 16.50
N LEU C 292 -0.90 3.53 15.82
CA LEU C 292 -1.14 3.64 14.35
C LEU C 292 -0.07 2.87 13.59
N PRO C 293 -0.40 2.31 12.42
CA PRO C 293 0.60 1.64 11.59
C PRO C 293 1.52 2.71 10.96
N ILE C 294 2.71 2.29 10.57
CA ILE C 294 3.82 3.20 10.17
C ILE C 294 3.95 3.24 8.64
N ASN C 295 3.04 2.57 7.92
CA ASN C 295 3.07 2.48 6.44
C ASN C 295 2.05 3.45 5.83
N GLY C 296 1.51 4.39 6.62
CA GLY C 296 0.54 5.39 6.16
C GLY C 296 1.22 6.56 5.47
N VAL C 297 0.44 7.42 4.83
CA VAL C 297 0.89 8.63 4.09
C VAL C 297 0.11 9.83 4.60
N PHE C 298 0.81 10.92 4.89
CA PHE C 298 0.20 12.23 5.22
C PHE C 298 -0.23 12.90 3.91
N VAL C 299 -1.37 13.57 3.93
CA VAL C 299 -1.88 14.40 2.81
C VAL C 299 -2.40 15.70 3.41
N PHE C 300 -2.06 16.82 2.79
CA PHE C 300 -2.58 18.18 3.09
C PHE C 300 -4.06 18.22 2.75
N VAL C 301 -4.90 18.65 3.68
CA VAL C 301 -6.37 18.82 3.50
C VAL C 301 -6.65 20.29 3.21
N SER C 302 -6.31 21.18 4.16
CA SER C 302 -6.49 22.65 4.04
C SER C 302 -5.77 23.38 5.18
N TRP C 303 -5.63 24.69 5.02
CA TRP C 303 -5.22 25.63 6.09
C TRP C 303 -6.38 25.81 7.08
N VAL C 304 -6.09 25.73 8.38
CA VAL C 304 -7.10 25.94 9.47
C VAL C 304 -6.51 26.89 10.51
N SER C 305 -7.35 27.43 11.39
CA SER C 305 -6.97 28.32 12.52
C SER C 305 -6.21 27.47 13.56
N ARG C 306 -5.43 28.14 14.42
CA ARG C 306 -4.66 27.52 15.54
C ARG C 306 -5.60 26.81 16.52
N PHE C 307 -6.89 27.17 16.56
CA PHE C 307 -7.87 26.63 17.54
C PHE C 307 -8.79 25.60 16.89
N TYR C 308 -8.58 25.26 15.61
CA TYR C 308 -9.25 24.11 14.96
C TYR C 308 -9.05 22.87 15.85
N GLN C 309 -10.15 22.21 16.21
CA GLN C 309 -10.10 21.06 17.15
C GLN C 309 -10.01 19.75 16.38
N LEU C 310 -8.97 18.96 16.66
CA LEU C 310 -8.75 17.66 15.98
C LEU C 310 -9.53 16.51 16.61
N LYS C 311 -9.97 15.58 15.79
CA LYS C 311 -10.57 14.34 16.32
C LYS C 311 -9.46 13.53 17.00
N PRO C 312 -9.72 12.95 18.18
CA PRO C 312 -8.74 12.12 18.85
C PRO C 312 -8.13 11.00 18.01
N VAL C 313 -6.84 10.76 18.18
CA VAL C 313 -6.13 9.67 17.45
C VAL C 313 -5.77 8.53 18.39
N GLY C 314 -5.99 7.30 17.94
CA GLY C 314 -5.54 6.14 18.71
C GLY C 314 -6.57 5.50 19.63
N THR C 315 -6.08 4.63 20.51
CA THR C 315 -6.95 3.92 21.46
C THR C 315 -6.78 4.58 22.83
N PRO D 13 -11.19 14.20 -12.51
CA PRO D 13 -12.58 14.67 -12.44
C PRO D 13 -13.53 13.62 -11.83
N PHE D 14 -14.44 14.07 -10.97
CA PHE D 14 -15.39 13.20 -10.23
C PHE D 14 -16.42 12.63 -11.20
N SER D 15 -16.83 11.38 -10.95
CA SER D 15 -17.92 10.70 -11.68
C SER D 15 -18.60 9.68 -10.76
N VAL D 16 -19.80 9.26 -11.11
CA VAL D 16 -20.51 8.09 -10.50
C VAL D 16 -20.64 7.03 -11.58
N PRO D 17 -20.83 5.74 -11.23
CA PRO D 17 -20.98 4.69 -12.22
C PRO D 17 -22.11 4.96 -13.22
N ASN D 18 -21.84 4.76 -14.50
CA ASN D 18 -22.82 4.79 -15.62
C ASN D 18 -23.43 3.38 -15.75
N LEU D 19 -24.03 2.87 -14.68
CA LEU D 19 -24.58 1.50 -14.59
C LEU D 19 -26.00 1.58 -14.05
N PRO D 20 -26.97 0.85 -14.63
CA PRO D 20 -28.35 0.89 -14.14
C PRO D 20 -28.47 0.32 -12.71
N LEU D 21 -29.24 0.99 -11.86
CA LEU D 21 -29.35 0.72 -10.40
C LEU D 21 -29.73 -0.74 -10.15
N ASN D 22 -30.63 -1.29 -10.97
CA ASN D 22 -31.23 -2.64 -10.78
C ASN D 22 -30.20 -3.74 -11.04
N THR D 23 -29.02 -3.40 -11.55
CA THR D 23 -27.89 -4.35 -11.77
C THR D 23 -26.85 -4.23 -10.64
N LEU D 24 -27.04 -3.29 -9.71
CA LEU D 24 -26.06 -2.98 -8.62
C LEU D 24 -26.54 -3.57 -7.28
N SER D 25 -25.62 -3.68 -6.34
CA SER D 25 -25.83 -4.31 -5.02
C SER D 25 -26.12 -3.25 -3.96
N ASN D 26 -26.96 -3.61 -2.99
CA ASN D 26 -27.03 -2.99 -1.64
C ASN D 26 -25.61 -3.00 -1.07
N SER D 27 -25.27 -2.05 -0.21
CA SER D 27 -23.93 -1.94 0.43
C SER D 27 -23.97 -2.46 1.88
N ARG D 28 -25.11 -2.95 2.35
CA ARG D 28 -25.25 -3.54 3.71
C ARG D 28 -25.59 -5.03 3.62
N VAL D 29 -26.27 -5.47 2.55
CA VAL D 29 -26.52 -6.91 2.28
C VAL D 29 -26.18 -7.18 0.83
N PRO D 30 -25.61 -8.38 0.51
CA PRO D 30 -25.26 -8.73 -0.86
C PRO D 30 -26.51 -9.12 -1.66
N SER D 31 -27.28 -8.12 -2.10
CA SER D 31 -28.57 -8.28 -2.82
C SER D 31 -28.78 -7.10 -3.77
N LEU D 32 -29.39 -7.33 -4.93
CA LEU D 32 -29.59 -6.30 -5.97
C LEU D 32 -30.50 -5.19 -5.43
N ILE D 33 -30.31 -3.95 -5.87
CA ILE D 33 -31.19 -2.79 -5.55
C ILE D 33 -32.55 -3.07 -6.20
N ARG D 34 -33.62 -3.00 -5.42
CA ARG D 34 -35.01 -3.24 -5.91
C ARG D 34 -35.78 -1.92 -6.04
N SER D 35 -35.45 -0.91 -5.24
CA SER D 35 -36.12 0.42 -5.26
C SER D 35 -35.30 1.47 -4.54
N MET D 36 -35.70 2.73 -4.70
CA MET D 36 -35.28 3.89 -3.88
C MET D 36 -36.48 4.35 -3.04
N MET D 37 -36.22 4.93 -1.88
CA MET D 37 -37.27 5.53 -1.03
C MET D 37 -36.65 6.62 -0.14
N VAL D 38 -37.50 7.51 0.35
CA VAL D 38 -37.23 8.40 1.50
C VAL D 38 -38.05 7.85 2.67
N SER D 39 -37.65 8.13 3.91
CA SER D 39 -38.29 7.62 5.15
C SER D 39 -38.50 8.79 6.11
N ARG D 40 -39.74 9.16 6.38
CA ARG D 40 -40.04 10.20 7.41
C ARG D 40 -39.75 9.61 8.79
N ASP D 41 -40.12 8.34 9.01
CA ASP D 41 -40.03 7.62 10.30
C ASP D 41 -38.58 7.32 10.71
N HIS D 42 -37.68 7.04 9.74
CA HIS D 42 -36.30 6.56 10.03
C HIS D 42 -35.22 7.47 9.41
N GLY D 43 -35.59 8.42 8.56
CA GLY D 43 -34.64 9.23 7.76
C GLY D 43 -34.08 10.42 8.52
N GLN D 44 -34.45 10.60 9.80
CA GLN D 44 -33.96 11.75 10.62
C GLN D 44 -32.51 11.51 11.05
N MET D 45 -32.11 10.25 11.22
CA MET D 45 -30.69 9.90 11.52
C MET D 45 -30.46 8.42 11.21
N VAL D 46 -29.35 8.11 10.53
CA VAL D 46 -28.84 6.73 10.37
C VAL D 46 -27.33 6.75 10.66
N GLN D 47 -26.81 5.64 11.14
CA GLN D 47 -25.35 5.46 11.42
C GLN D 47 -24.94 4.06 10.95
N PHE D 48 -25.41 3.65 9.77
CA PHE D 48 -24.97 2.41 9.09
C PHE D 48 -23.44 2.41 9.07
N GLN D 49 -22.84 1.25 9.29
CA GLN D 49 -21.35 1.07 9.33
C GLN D 49 -20.86 0.48 8.00
N ASN D 50 -21.75 -0.10 7.19
CA ASN D 50 -21.44 -0.61 5.83
C ASN D 50 -22.06 0.36 4.81
N GLY D 51 -21.47 0.46 3.62
CA GLY D 51 -21.86 1.43 2.59
C GLY D 51 -21.41 2.83 2.93
N ARG D 52 -20.34 2.95 3.73
CA ARG D 52 -19.82 4.24 4.25
C ARG D 52 -18.48 4.54 3.56
N VAL D 53 -18.43 5.67 2.84
CA VAL D 53 -17.29 6.07 1.97
C VAL D 53 -17.41 7.57 1.71
N THR D 54 -16.28 8.27 1.57
CA THR D 54 -16.24 9.68 1.10
C THR D 54 -16.24 9.68 -0.43
N LEU D 55 -16.57 10.81 -1.06
CA LEU D 55 -16.59 10.94 -2.55
C LEU D 55 -15.16 10.90 -3.10
N ASP D 56 -14.14 11.13 -2.27
CA ASP D 56 -12.71 11.06 -2.70
C ASP D 56 -12.12 9.68 -2.35
N GLY D 57 -12.94 8.74 -1.89
CA GLY D 57 -12.61 7.30 -1.90
C GLY D 57 -11.96 6.80 -0.62
N GLN D 58 -12.29 7.38 0.54
CA GLN D 58 -11.88 6.88 1.87
C GLN D 58 -12.99 5.99 2.45
N LEU D 59 -12.72 4.69 2.64
CA LEU D 59 -13.66 3.73 3.27
C LEU D 59 -13.81 4.06 4.75
N GLN D 60 -15.01 3.87 5.30
CA GLN D 60 -15.36 4.20 6.70
C GLN D 60 -16.10 3.03 7.34
N GLY D 61 -16.26 3.04 8.66
CA GLY D 61 -16.89 1.96 9.44
C GLY D 61 -16.26 0.62 9.11
N THR D 62 -17.08 -0.35 8.69
CA THR D 62 -16.66 -1.74 8.36
C THR D 62 -16.77 -1.97 6.85
N THR D 63 -16.95 -0.90 6.07
CA THR D 63 -17.28 -0.93 4.63
C THR D 63 -16.15 -1.61 3.85
N PRO D 64 -16.41 -2.70 3.12
CA PRO D 64 -15.41 -3.29 2.23
C PRO D 64 -15.40 -2.68 0.83
N THR D 65 -14.35 -2.93 0.06
CA THR D 65 -14.27 -2.61 -1.39
C THR D 65 -15.28 -3.48 -2.14
N SER D 66 -15.38 -4.76 -1.79
CA SER D 66 -16.11 -5.80 -2.56
C SER D 66 -17.38 -6.24 -1.81
N ALA D 67 -18.47 -6.41 -2.56
CA ALA D 67 -19.75 -7.00 -2.08
C ALA D 67 -19.50 -8.41 -1.52
N SER D 68 -18.44 -9.09 -1.98
CA SER D 68 -18.09 -10.48 -1.57
C SER D 68 -17.58 -10.53 -0.13
N GLN D 69 -17.23 -9.38 0.46
CA GLN D 69 -16.76 -9.29 1.86
C GLN D 69 -17.93 -8.97 2.80
N LEU D 70 -19.09 -8.56 2.27
CA LEU D 70 -20.28 -8.11 3.05
C LEU D 70 -20.94 -9.29 3.78
N CYS D 71 -21.27 -9.07 5.06
CA CYS D 71 -22.10 -9.94 5.92
C CYS D 71 -21.39 -11.30 6.12
N LYS D 72 -20.07 -11.26 6.22
CA LYS D 72 -19.24 -12.45 6.54
C LYS D 72 -18.46 -12.18 7.83
N ILE D 73 -18.18 -13.25 8.55
CA ILE D 73 -17.39 -13.27 9.82
C ILE D 73 -16.37 -14.38 9.68
N ARG D 74 -15.13 -14.13 10.12
CA ARG D 74 -14.06 -15.16 10.20
C ARG D 74 -13.51 -15.16 11.62
N GLY D 75 -13.21 -16.34 12.15
CA GLY D 75 -12.64 -16.49 13.49
C GLY D 75 -12.29 -17.93 13.83
N SER D 76 -11.66 -18.11 14.99
CA SER D 76 -11.26 -19.42 15.57
C SER D 76 -12.20 -19.75 16.73
N VAL D 77 -12.72 -20.98 16.77
CA VAL D 77 -13.71 -21.42 17.79
C VAL D 77 -13.04 -21.41 19.16
N PHE D 78 -13.74 -20.84 20.13
CA PHE D 78 -13.31 -20.90 21.55
C PHE D 78 -14.42 -21.65 22.29
N HIS D 79 -14.05 -22.34 23.34
CA HIS D 79 -15.04 -23.02 24.20
C HIS D 79 -14.89 -22.37 25.60
N ALA D 80 -15.93 -21.71 26.07
CA ALA D 80 -15.81 -21.05 27.38
C ALA D 80 -16.98 -21.49 28.25
N ASN D 81 -16.84 -21.37 29.58
CA ASN D 81 -17.92 -21.77 30.51
C ASN D 81 -19.19 -21.00 30.16
N GLY D 82 -20.24 -21.71 29.74
CA GLY D 82 -21.52 -21.06 29.39
C GLY D 82 -21.49 -20.21 28.12
N GLY D 83 -20.60 -20.50 27.17
CA GLY D 83 -20.63 -19.76 25.89
C GLY D 83 -19.70 -20.59 25.04
N ASN D 84 -19.94 -20.66 23.72
CA ASN D 84 -18.94 -20.93 22.66
C ASN D 84 -19.04 -19.83 21.60
N GLY D 85 -18.01 -19.63 20.78
CA GLY D 85 -17.99 -18.53 19.80
C GLY D 85 -16.69 -18.44 19.06
N TYR D 86 -16.39 -17.27 18.50
CA TYR D 86 -15.22 -17.00 17.64
C TYR D 86 -14.35 -15.91 18.23
N ASN D 87 -13.04 -16.15 18.25
CA ASN D 87 -11.98 -15.10 18.31
C ASN D 87 -11.82 -14.57 16.87
N LEU D 88 -12.32 -13.35 16.62
CA LEU D 88 -12.51 -12.79 15.27
C LEU D 88 -11.16 -12.41 14.66
N THR D 89 -11.06 -12.59 13.33
CA THR D 89 -9.99 -12.04 12.47
C THR D 89 -10.66 -11.28 11.32
N GLU D 90 -9.88 -10.66 10.45
CA GLU D 90 -10.35 -10.17 9.13
C GLU D 90 -10.66 -11.39 8.27
N LEU D 91 -11.46 -11.22 7.21
CA LEU D 91 -11.91 -12.29 6.29
C LEU D 91 -10.72 -12.99 5.61
N ASP D 92 -9.60 -12.28 5.40
CA ASP D 92 -8.39 -12.84 4.73
C ASP D 92 -7.51 -13.58 5.76
N GLY D 93 -7.91 -13.60 7.02
CA GLY D 93 -7.20 -14.35 8.09
C GLY D 93 -6.26 -13.46 8.90
N SER D 94 -5.98 -12.24 8.43
CA SER D 94 -5.04 -11.31 9.09
C SER D 94 -5.68 -10.76 10.37
N PRO D 95 -4.89 -10.21 11.31
CA PRO D 95 -5.42 -9.65 12.56
C PRO D 95 -6.39 -8.47 12.35
N TYR D 96 -7.40 -8.39 13.20
CA TYR D 96 -8.33 -7.23 13.32
C TYR D 96 -7.68 -6.11 14.14
N HIS D 97 -7.53 -4.93 13.53
CA HIS D 97 -6.95 -3.70 14.15
C HIS D 97 -8.10 -2.73 14.44
N ALA D 98 -8.34 -2.45 15.73
CA ALA D 98 -9.26 -1.40 16.27
C ALA D 98 -9.01 -0.01 15.66
N PHE D 99 -7.76 0.32 15.29
CA PHE D 99 -7.41 1.64 14.69
C PHE D 99 -7.97 1.76 13.26
N GLU D 100 -8.50 0.67 12.67
CA GLU D 100 -8.98 0.65 11.26
C GLU D 100 -10.52 0.78 11.22
N SER D 101 -11.23 0.11 12.14
CA SER D 101 -12.70 -0.13 12.04
C SER D 101 -13.28 -0.54 13.39
N PRO D 102 -14.60 -0.36 13.61
CA PRO D 102 -15.25 -0.77 14.86
C PRO D 102 -15.41 -2.29 15.02
N ALA D 103 -15.23 -3.03 13.93
CA ALA D 103 -15.28 -4.51 13.84
C ALA D 103 -14.52 -4.91 12.59
N PRO D 104 -14.23 -6.21 12.37
CA PRO D 104 -13.62 -6.64 11.12
C PRO D 104 -14.42 -6.14 9.91
N ILE D 105 -13.72 -5.88 8.80
CA ILE D 105 -14.32 -5.35 7.54
C ILE D 105 -15.37 -6.34 7.06
N GLY D 106 -16.54 -5.84 6.65
CA GLY D 106 -17.64 -6.64 6.10
C GLY D 106 -18.54 -7.25 7.18
N PHE D 107 -18.21 -7.05 8.46
CA PHE D 107 -19.03 -7.51 9.61
C PHE D 107 -20.45 -6.97 9.41
N PRO D 108 -21.50 -7.79 9.57
CA PRO D 108 -22.87 -7.32 9.37
C PRO D 108 -23.19 -6.13 10.30
N ASP D 109 -23.99 -5.17 9.83
CA ASP D 109 -24.39 -4.00 10.64
C ASP D 109 -25.91 -4.00 10.84
N LEU D 110 -26.54 -5.18 10.81
CA LEU D 110 -27.98 -5.34 11.15
C LEU D 110 -28.10 -5.51 12.67
N GLY D 111 -28.45 -4.43 13.37
CA GLY D 111 -28.48 -4.38 14.84
C GLY D 111 -29.68 -5.10 15.43
N GLU D 112 -29.54 -5.58 16.67
CA GLU D 112 -30.63 -6.05 17.57
C GLU D 112 -31.50 -7.09 16.87
N CYS D 113 -30.87 -8.15 16.37
CA CYS D 113 -31.54 -9.34 15.78
C CYS D 113 -30.60 -10.54 15.88
N ASP D 114 -31.15 -11.74 15.67
CA ASP D 114 -30.37 -13.00 15.59
C ASP D 114 -29.81 -13.12 14.17
N TRP D 115 -28.52 -13.48 14.06
CA TRP D 115 -27.84 -13.78 12.78
C TRP D 115 -27.73 -15.29 12.62
N HIS D 116 -28.55 -15.86 11.73
CA HIS D 116 -28.47 -17.29 11.30
C HIS D 116 -27.45 -17.37 10.16
N MET D 117 -26.32 -18.05 10.41
CA MET D 117 -25.17 -18.05 9.50
C MET D 117 -24.77 -19.50 9.22
N GLU D 118 -24.18 -19.75 8.06
CA GLU D 118 -23.56 -21.04 7.70
C GLU D 118 -22.04 -20.91 7.82
N ALA D 119 -21.44 -21.68 8.73
CA ALA D 119 -20.01 -21.66 9.05
C ALA D 119 -19.34 -22.88 8.43
N SER D 120 -18.23 -22.67 7.72
CA SER D 120 -17.41 -23.73 7.07
C SER D 120 -15.95 -23.54 7.47
N PRO D 121 -15.16 -24.63 7.59
CA PRO D 121 -13.73 -24.51 7.85
C PRO D 121 -13.02 -23.77 6.71
N THR D 122 -11.94 -23.06 7.03
CA THR D 122 -11.07 -22.34 6.07
C THR D 122 -9.95 -23.28 5.62
N THR D 123 -9.97 -24.52 6.10
CA THR D 123 -9.08 -25.64 5.68
C THR D 123 -9.92 -26.64 4.90
N GLN D 124 -9.35 -27.17 3.81
CA GLN D 124 -9.87 -28.29 2.99
C GLN D 124 -10.50 -29.43 3.82
N PHE D 125 -11.78 -29.73 3.57
CA PHE D 125 -12.55 -30.83 4.21
C PHE D 125 -13.14 -31.78 3.15
N ASP D 126 -13.61 -32.94 3.61
CA ASP D 126 -14.03 -34.08 2.75
C ASP D 126 -15.57 -34.19 2.71
N THR D 127 -16.25 -33.74 3.76
CA THR D 127 -17.69 -34.00 4.01
C THR D 127 -18.37 -32.71 4.49
N GLY D 128 -19.68 -32.59 4.24
CA GLY D 128 -20.52 -31.47 4.70
C GLY D 128 -20.80 -31.50 6.19
N ASP D 129 -20.38 -32.55 6.91
CA ASP D 129 -20.62 -32.73 8.37
C ASP D 129 -19.92 -31.60 9.15
N VAL D 130 -18.84 -31.04 8.60
CA VAL D 130 -18.02 -29.97 9.26
C VAL D 130 -18.68 -28.60 9.04
N ILE D 131 -19.70 -28.51 8.19
CA ILE D 131 -20.45 -27.25 7.93
C ILE D 131 -21.57 -27.14 8.97
N LYS D 132 -21.63 -26.02 9.68
CA LYS D 132 -22.54 -25.81 10.85
C LYS D 132 -23.48 -24.63 10.57
N GLN D 133 -24.76 -24.82 10.91
CA GLN D 133 -25.75 -23.72 11.04
C GLN D 133 -25.57 -23.12 12.43
N ILE D 134 -25.13 -21.85 12.50
CA ILE D 134 -24.85 -21.16 13.79
C ILE D 134 -25.85 -20.02 13.95
N ASN D 135 -26.05 -19.59 15.20
CA ASN D 135 -26.92 -18.43 15.55
C ASN D 135 -26.11 -17.49 16.42
N VAL D 136 -25.85 -16.28 15.92
CA VAL D 136 -25.15 -15.20 16.67
C VAL D 136 -26.22 -14.26 17.22
N LYS D 137 -26.36 -14.20 18.55
CA LYS D 137 -27.30 -13.29 19.26
C LYS D 137 -26.53 -12.03 19.68
N GLN D 138 -27.20 -10.88 19.70
CA GLN D 138 -26.61 -9.60 20.16
C GLN D 138 -27.01 -9.41 21.62
N GLU D 139 -26.35 -10.17 22.50
CA GLU D 139 -26.52 -10.14 23.98
C GLU D 139 -25.17 -9.74 24.59
N ALA D 140 -24.96 -10.02 25.88
CA ALA D 140 -23.82 -9.54 26.69
C ALA D 140 -22.48 -9.95 26.05
N ALA D 141 -22.41 -11.14 25.45
CA ALA D 141 -21.16 -11.77 24.94
C ALA D 141 -20.91 -11.39 23.47
N PHE D 142 -21.73 -10.51 22.89
CA PHE D 142 -21.53 -9.93 21.53
C PHE D 142 -20.59 -8.71 21.65
N ALA D 143 -19.29 -8.91 21.40
CA ALA D 143 -18.24 -7.87 21.57
C ALA D 143 -17.28 -7.86 20.39
N PRO D 144 -17.77 -7.61 19.15
CA PRO D 144 -16.93 -7.64 17.96
C PRO D 144 -15.73 -6.68 18.03
N HIS D 145 -15.89 -5.49 18.64
CA HIS D 145 -14.82 -4.47 18.79
C HIS D 145 -13.68 -5.05 19.64
N LEU D 146 -14.00 -5.92 20.61
CA LEU D 146 -13.03 -6.57 21.52
C LEU D 146 -12.59 -7.91 20.91
N GLY D 147 -13.15 -8.27 19.75
CA GLY D 147 -12.67 -9.38 18.90
C GLY D 147 -13.32 -10.70 19.26
N THR D 148 -14.44 -10.71 19.96
CA THR D 148 -15.08 -11.96 20.41
C THR D 148 -16.60 -11.91 20.22
N ILE D 149 -17.20 -12.95 19.68
CA ILE D 149 -18.69 -13.07 19.64
C ILE D 149 -19.06 -14.47 20.11
N GLN D 150 -20.21 -14.60 20.75
CA GLN D 150 -20.75 -15.93 21.15
C GLN D 150 -21.64 -16.43 20.02
N ALA D 151 -21.65 -17.74 19.81
CA ALA D 151 -22.46 -18.33 18.74
C ALA D 151 -22.99 -19.71 19.13
N ASP D 152 -24.28 -19.94 18.92
CA ASP D 152 -24.87 -21.27 19.14
C ASP D 152 -24.57 -22.13 17.91
N GLY D 153 -24.41 -23.44 18.07
CA GLY D 153 -24.16 -24.40 16.98
C GLY D 153 -22.70 -24.78 16.86
N LEU D 154 -21.85 -24.40 17.83
CA LEU D 154 -20.37 -24.65 17.79
C LEU D 154 -19.93 -25.66 18.85
N SER D 155 -20.84 -26.22 19.66
CA SER D 155 -20.51 -27.11 20.80
C SER D 155 -19.68 -28.32 20.33
N ASP D 156 -19.94 -28.83 19.11
CA ASP D 156 -19.29 -30.06 18.58
C ASP D 156 -18.09 -29.73 17.69
N VAL D 157 -17.68 -28.46 17.62
CA VAL D 157 -16.49 -28.02 16.84
C VAL D 157 -15.29 -27.89 17.80
N SER D 158 -14.17 -28.52 17.46
CA SER D 158 -12.90 -28.48 18.22
C SER D 158 -12.46 -27.02 18.41
N VAL D 159 -11.89 -26.72 19.58
CA VAL D 159 -11.30 -25.39 19.90
C VAL D 159 -10.26 -25.04 18.84
N ASN D 160 -10.23 -23.78 18.42
CA ASN D 160 -9.23 -23.19 17.48
C ASN D 160 -9.50 -23.64 16.03
N THR D 161 -10.63 -24.28 15.75
CA THR D 161 -11.06 -24.54 14.35
C THR D 161 -11.35 -23.17 13.72
N ASN D 162 -10.63 -22.83 12.65
CA ASN D 162 -10.76 -21.56 11.91
C ASN D 162 -11.92 -21.70 10.92
N MET D 163 -12.89 -20.79 10.95
CA MET D 163 -14.13 -20.88 10.13
C MET D 163 -14.50 -19.53 9.51
N ILE D 164 -15.14 -19.54 8.34
CA ILE D 164 -15.85 -18.38 7.74
C ILE D 164 -17.34 -18.66 7.87
N ALA D 165 -18.09 -17.70 8.41
CA ALA D 165 -19.57 -17.75 8.54
C ALA D 165 -20.16 -16.71 7.59
N LYS D 166 -21.20 -17.10 6.86
CA LYS D 166 -21.89 -16.25 5.86
C LYS D 166 -23.35 -16.08 6.32
N LEU D 167 -23.80 -14.83 6.41
CA LEU D 167 -25.17 -14.51 6.88
C LEU D 167 -26.19 -15.07 5.90
N GLY D 168 -27.10 -15.93 6.37
CA GLY D 168 -28.16 -16.55 5.57
C GLY D 168 -29.47 -15.80 5.73
N TRP D 169 -29.89 -15.60 6.99
CA TRP D 169 -31.15 -14.91 7.34
C TRP D 169 -31.05 -14.34 8.76
N VAL D 170 -31.92 -13.39 9.09
CA VAL D 170 -32.00 -12.75 10.43
C VAL D 170 -33.44 -12.87 10.94
N SER D 171 -33.60 -12.93 12.26
CA SER D 171 -34.89 -13.11 12.96
C SER D 171 -34.91 -12.26 14.23
N PRO D 172 -36.09 -12.03 14.84
CA PRO D 172 -36.16 -11.23 16.06
C PRO D 172 -35.27 -11.76 17.18
N ALA D 173 -34.73 -10.86 18.00
CA ALA D 173 -33.80 -11.16 19.12
C ALA D 173 -34.37 -12.31 19.98
N SER D 174 -33.55 -13.33 20.24
CA SER D 174 -33.89 -14.52 21.06
C SER D 174 -34.41 -14.11 22.46
N ASP D 175 -33.92 -12.99 23.01
CA ASP D 175 -34.27 -12.53 24.39
C ASP D 175 -35.67 -11.88 24.39
N GLY D 176 -36.25 -11.63 23.21
CA GLY D 176 -37.65 -11.16 23.05
C GLY D 176 -37.84 -9.68 23.33
N HIS D 177 -36.76 -8.90 23.47
CA HIS D 177 -36.82 -7.45 23.81
C HIS D 177 -37.44 -6.66 22.65
N ARG D 178 -37.60 -7.30 21.50
CA ARG D 178 -38.17 -6.72 20.25
C ARG D 178 -39.05 -7.77 19.57
N GLY D 179 -40.15 -7.36 18.93
CA GLY D 179 -41.08 -8.25 18.22
C GLY D 179 -40.66 -8.48 16.77
N ASN D 180 -39.98 -7.51 16.18
CA ASN D 180 -39.63 -7.52 14.73
C ASN D 180 -38.12 -7.29 14.56
N VAL D 181 -37.63 -7.46 13.32
CA VAL D 181 -36.25 -7.07 12.92
C VAL D 181 -36.32 -5.67 12.34
N ASP D 182 -35.63 -4.70 12.97
CA ASP D 182 -35.58 -3.30 12.49
C ASP D 182 -34.27 -3.12 11.71
N PRO D 183 -34.32 -3.05 10.37
CA PRO D 183 -33.11 -2.96 9.55
C PRO D 183 -32.53 -1.54 9.49
N TRP D 184 -33.05 -0.60 10.29
CA TRP D 184 -32.54 0.79 10.41
C TRP D 184 -31.55 0.90 11.57
N VAL D 185 -31.51 -0.11 12.44
CA VAL D 185 -30.73 -0.15 13.72
C VAL D 185 -29.38 -0.83 13.45
N ILE D 186 -28.30 -0.27 13.98
CA ILE D 186 -26.93 -0.85 13.90
C ILE D 186 -26.64 -1.59 15.20
N PRO D 187 -25.66 -2.53 15.21
CA PRO D 187 -25.29 -3.22 16.45
C PRO D 187 -24.62 -2.29 17.48
N ARG D 188 -24.58 -2.72 18.73
CA ARG D 188 -23.68 -2.18 19.79
C ARG D 188 -22.42 -3.03 19.75
N TYR D 189 -21.36 -2.49 19.18
CA TYR D 189 -20.10 -3.24 18.92
C TYR D 189 -19.42 -3.76 20.19
N GLY D 190 -19.76 -3.25 21.36
CA GLY D 190 -19.16 -3.73 22.61
C GLY D 190 -18.10 -2.75 23.09
N SER D 191 -17.90 -2.63 24.40
CA SER D 191 -16.91 -1.68 24.97
C SER D 191 -16.73 -1.97 26.46
N THR D 192 -15.66 -1.43 27.04
CA THR D 192 -15.31 -1.61 28.47
C THR D 192 -15.37 -0.29 29.25
N ALA D 196 -14.15 1.78 23.42
CA ALA D 196 -15.31 2.19 22.58
C ALA D 196 -14.89 2.23 21.10
N ALA D 197 -15.77 1.77 20.21
CA ALA D 197 -15.50 1.65 18.75
C ALA D 197 -15.48 3.06 18.14
N GLN D 198 -14.65 3.25 17.11
CA GLN D 198 -14.64 4.46 16.25
C GLN D 198 -15.62 4.24 15.10
N LEU D 199 -16.90 4.49 15.34
CA LEU D 199 -18.01 4.31 14.36
C LEU D 199 -17.89 5.35 13.24
N ALA D 200 -18.25 4.98 12.00
CA ALA D 200 -18.64 5.93 10.93
C ALA D 200 -19.67 6.89 11.52
N PRO D 201 -19.55 8.22 11.30
CA PRO D 201 -20.42 9.19 11.97
C PRO D 201 -21.88 9.08 11.55
N PRO D 202 -22.81 9.64 12.37
CA PRO D 202 -24.22 9.71 12.00
C PRO D 202 -24.41 10.57 10.74
N ILE D 203 -25.43 10.22 9.94
CA ILE D 203 -25.85 11.00 8.74
C ILE D 203 -27.20 11.63 9.08
N TYR D 204 -27.31 12.94 8.86
CA TYR D 204 -28.54 13.75 9.06
C TYR D 204 -28.98 14.32 7.72
N PRO D 205 -30.29 14.46 7.47
CA PRO D 205 -30.78 15.26 6.34
C PRO D 205 -30.31 16.69 6.57
N PRO D 206 -29.72 17.36 5.56
CA PRO D 206 -29.06 18.65 5.78
C PRO D 206 -29.94 19.91 5.67
N GLY D 207 -31.26 19.76 5.50
CA GLY D 207 -32.24 20.86 5.50
C GLY D 207 -32.72 21.18 4.10
N PHE D 208 -33.49 22.27 3.96
CA PHE D 208 -33.99 22.82 2.68
C PHE D 208 -34.94 21.83 2.00
N GLY D 209 -35.70 21.10 2.82
CA GLY D 209 -36.71 20.10 2.37
C GLY D 209 -36.08 18.82 1.86
N GLU D 210 -34.77 18.61 2.07
CA GLU D 210 -34.03 17.43 1.55
C GLU D 210 -34.24 16.23 2.49
N ALA D 211 -34.45 15.05 1.89
CA ALA D 211 -34.55 13.76 2.59
C ALA D 211 -33.43 12.84 2.07
N ILE D 212 -32.86 12.03 2.96
CA ILE D 212 -31.84 11.03 2.59
C ILE D 212 -32.49 10.01 1.66
N VAL D 213 -31.84 9.69 0.55
CA VAL D 213 -32.28 8.62 -0.40
C VAL D 213 -31.74 7.29 0.12
N PHE D 214 -32.63 6.31 0.28
CA PHE D 214 -32.28 4.93 0.71
C PHE D 214 -32.47 3.99 -0.48
N PHE D 215 -31.46 3.18 -0.76
CA PHE D 215 -31.48 2.12 -1.80
C PHE D 215 -31.90 0.81 -1.11
N MET D 216 -33.05 0.27 -1.52
CA MET D 216 -33.72 -0.86 -0.82
C MET D 216 -33.45 -2.15 -1.57
N SER D 217 -33.10 -3.21 -0.83
CA SER D 217 -32.88 -4.58 -1.34
C SER D 217 -33.62 -5.57 -0.43
N ASP D 218 -34.09 -6.68 -1.00
CA ASP D 218 -34.69 -7.79 -0.22
C ASP D 218 -33.57 -8.66 0.33
N PHE D 219 -33.70 -9.04 1.59
CA PHE D 219 -32.84 -10.03 2.30
C PHE D 219 -33.76 -10.97 3.07
N PRO D 220 -33.38 -12.24 3.31
CA PRO D 220 -34.19 -13.14 4.12
C PRO D 220 -34.29 -12.67 5.58
N ILE D 221 -35.40 -12.01 5.91
CA ILE D 221 -35.71 -11.47 7.27
C ILE D 221 -37.02 -12.08 7.76
N ALA D 222 -37.01 -12.77 8.89
CA ALA D 222 -38.23 -13.25 9.51
C ALA D 222 -38.71 -12.10 10.34
N HIS D 223 -39.97 -11.71 10.12
CA HIS D 223 -40.63 -10.59 10.80
C HIS D 223 -39.91 -9.25 10.64
N GLY D 224 -39.67 -8.81 9.44
CA GLY D 224 -38.99 -7.55 9.28
C GLY D 224 -40.00 -6.43 9.43
N ALA D 225 -39.58 -5.30 9.99
CA ALA D 225 -40.41 -4.11 10.15
C ALA D 225 -40.86 -3.65 8.75
N ASN D 226 -39.99 -3.81 7.76
CA ASN D 226 -40.32 -3.48 6.35
C ASN D 226 -40.29 -4.78 5.53
N GLY D 227 -40.76 -5.88 6.10
CA GLY D 227 -40.70 -7.22 5.47
C GLY D 227 -39.28 -7.63 5.15
N LEU D 228 -38.94 -7.82 3.88
CA LEU D 228 -37.60 -8.28 3.43
C LEU D 228 -36.66 -7.08 3.19
N SER D 229 -37.16 -5.85 3.26
CA SER D 229 -36.42 -4.64 2.78
C SER D 229 -35.34 -4.23 3.77
N VAL D 230 -34.13 -4.02 3.24
CA VAL D 230 -32.96 -3.43 3.96
C VAL D 230 -32.56 -2.16 3.22
N PRO D 231 -32.50 -1.01 3.91
CA PRO D 231 -32.00 0.22 3.30
C PRO D 231 -30.47 0.35 3.41
N CYS D 232 -29.86 1.04 2.45
CA CYS D 232 -28.46 1.50 2.49
C CYS D 232 -28.40 2.89 1.85
N THR D 233 -27.29 3.60 2.01
CA THR D 233 -27.19 5.03 1.63
C THR D 233 -26.51 5.19 0.27
N ILE D 234 -25.89 4.12 -0.26
CA ILE D 234 -25.19 4.16 -1.58
C ILE D 234 -25.00 2.73 -2.09
N PRO D 235 -25.13 2.47 -3.41
CA PRO D 235 -24.85 1.14 -3.96
C PRO D 235 -23.38 0.74 -3.76
N GLN D 236 -23.12 -0.55 -3.53
CA GLN D 236 -21.76 -1.08 -3.29
C GLN D 236 -20.83 -0.64 -4.43
N GLU D 237 -21.32 -0.71 -5.67
CA GLU D 237 -20.47 -0.45 -6.87
C GLU D 237 -20.09 1.04 -6.91
N PHE D 238 -20.88 1.91 -6.29
CA PHE D 238 -20.54 3.36 -6.09
C PHE D 238 -19.37 3.47 -5.12
N VAL D 239 -19.41 2.72 -4.02
CA VAL D 239 -18.29 2.65 -3.02
C VAL D 239 -17.00 2.33 -3.79
N THR D 240 -16.99 1.21 -4.51
CA THR D 240 -15.79 0.70 -5.23
C THR D 240 -15.30 1.78 -6.20
N HIS D 241 -16.23 2.40 -6.94
CA HIS D 241 -15.95 3.46 -7.93
C HIS D 241 -15.16 4.60 -7.28
N PHE D 242 -15.61 5.10 -6.13
CA PHE D 242 -14.96 6.25 -5.43
C PHE D 242 -13.58 5.81 -4.93
N VAL D 243 -13.46 4.59 -4.38
CA VAL D 243 -12.16 4.06 -3.90
C VAL D 243 -11.21 3.98 -5.09
N ASN D 244 -11.71 3.55 -6.26
CA ASN D 244 -10.89 3.41 -7.50
C ASN D 244 -10.43 4.78 -8.00
N GLU D 245 -11.35 5.75 -8.10
CA GLU D 245 -11.13 7.03 -8.81
C GLU D 245 -10.28 7.97 -7.93
N GLN D 246 -10.54 8.02 -6.63
CA GLN D 246 -9.88 8.96 -5.68
C GLN D 246 -9.98 10.39 -6.23
N ALA D 247 -11.15 10.76 -6.77
CA ALA D 247 -11.38 12.10 -7.36
C ALA D 247 -11.41 13.12 -6.23
N PRO D 248 -10.55 14.17 -6.28
CA PRO D 248 -10.63 15.26 -5.31
C PRO D 248 -12.06 15.83 -5.26
N THR D 249 -12.58 16.02 -4.04
CA THR D 249 -13.89 16.68 -3.80
C THR D 249 -13.69 18.19 -3.95
N ARG D 250 -14.27 18.80 -4.98
CA ARG D 250 -14.03 20.22 -5.35
C ARG D 250 -15.31 21.04 -5.15
N GLY D 251 -16.23 20.58 -4.30
CA GLY D 251 -17.48 21.29 -3.98
C GLY D 251 -18.11 20.75 -2.72
N GLU D 252 -19.13 21.43 -2.23
CA GLU D 252 -19.84 21.08 -0.98
C GLU D 252 -20.86 19.97 -1.26
N ALA D 253 -21.28 19.80 -2.51
CA ALA D 253 -22.21 18.72 -2.96
C ALA D 253 -22.04 18.49 -4.46
N ALA D 254 -22.18 17.23 -4.89
CA ALA D 254 -22.20 16.83 -6.32
C ALA D 254 -23.66 16.72 -6.77
N LEU D 255 -24.07 17.59 -7.70
CA LEU D 255 -25.41 17.54 -8.33
C LEU D 255 -25.42 16.37 -9.33
N LEU D 256 -26.40 15.47 -9.18
CA LEU D 256 -26.61 14.31 -10.09
C LEU D 256 -27.95 14.46 -10.80
N HIS D 257 -28.05 13.96 -12.02
CA HIS D 257 -29.33 13.63 -12.70
C HIS D 257 -29.50 12.12 -12.69
N TYR D 258 -30.70 11.64 -12.40
CA TYR D 258 -31.13 10.23 -12.63
C TYR D 258 -31.79 10.17 -14.01
N LEU D 259 -31.13 9.52 -14.97
CA LEU D 259 -31.53 9.46 -16.39
C LEU D 259 -32.25 8.15 -16.69
N ASP D 260 -33.29 8.26 -17.52
CA ASP D 260 -33.90 7.16 -18.32
C ASP D 260 -32.81 6.46 -19.12
N PRO D 261 -32.65 5.12 -19.03
CA PRO D 261 -31.52 4.43 -19.65
C PRO D 261 -31.59 4.41 -21.18
N ASP D 262 -32.79 4.54 -21.75
CA ASP D 262 -33.05 4.48 -23.22
C ASP D 262 -32.84 5.87 -23.83
N THR D 263 -33.41 6.92 -23.23
CA THR D 263 -33.50 8.29 -23.82
C THR D 263 -32.39 9.18 -23.26
N HIS D 264 -31.83 8.83 -22.11
CA HIS D 264 -30.91 9.68 -21.29
C HIS D 264 -31.60 10.96 -20.82
N ARG D 265 -32.91 10.91 -20.56
CA ARG D 265 -33.74 12.08 -20.18
C ARG D 265 -33.91 12.13 -18.65
N ASN D 266 -33.89 13.35 -18.10
CA ASN D 266 -33.71 13.65 -16.66
C ASN D 266 -35.00 13.35 -15.90
N LEU D 267 -35.00 12.33 -15.03
CA LEU D 267 -36.19 11.91 -14.23
C LEU D 267 -36.17 12.58 -12.86
N GLY D 268 -35.07 13.21 -12.45
CA GLY D 268 -34.97 13.87 -11.13
C GLY D 268 -33.56 14.35 -10.82
N GLU D 269 -33.47 15.30 -9.89
CA GLU D 269 -32.20 15.90 -9.45
C GLU D 269 -31.89 15.42 -8.04
N PHE D 270 -30.62 15.09 -7.76
CA PHE D 270 -30.16 14.56 -6.46
C PHE D 270 -28.87 15.28 -6.07
N LYS D 271 -28.62 15.41 -4.77
CA LYS D 271 -27.33 15.92 -4.25
C LYS D 271 -26.62 14.77 -3.50
N LEU D 272 -25.39 14.48 -3.93
CA LEU D 272 -24.47 13.52 -3.29
C LEU D 272 -23.46 14.34 -2.49
N TYR D 273 -23.43 14.15 -1.17
CA TYR D 273 -22.60 14.95 -0.22
C TYR D 273 -21.24 14.28 -0.07
N PRO D 274 -20.19 15.05 0.33
CA PRO D 274 -18.85 14.51 0.53
C PRO D 274 -18.81 13.27 1.45
N GLU D 275 -19.75 13.18 2.40
CA GLU D 275 -19.84 12.10 3.41
C GLU D 275 -20.38 10.82 2.77
N GLY D 276 -20.79 10.86 1.49
CA GLY D 276 -21.05 9.68 0.65
C GLY D 276 -22.51 9.25 0.66
N PHE D 277 -23.40 10.11 1.17
CA PHE D 277 -24.87 9.87 1.14
C PHE D 277 -25.52 10.86 0.16
N MET D 278 -26.73 10.51 -0.27
CA MET D 278 -27.47 11.19 -1.35
C MET D 278 -28.80 11.70 -0.81
N THR D 279 -29.27 12.85 -1.30
CA THR D 279 -30.58 13.44 -0.95
C THR D 279 -31.37 13.81 -2.21
N CYS D 280 -32.69 13.93 -2.04
CA CYS D 280 -33.62 14.58 -2.99
C CYS D 280 -34.60 15.45 -2.19
N VAL D 281 -35.44 16.22 -2.87
CA VAL D 281 -36.58 16.92 -2.21
C VAL D 281 -37.83 16.16 -2.70
N PRO D 282 -38.50 15.39 -1.87
CA PRO D 282 -39.68 14.74 -2.45
C PRO D 282 -40.84 15.67 -2.68
N ASN D 283 -41.67 15.36 -3.65
CA ASN D 283 -42.87 16.10 -4.03
C ASN D 283 -43.86 15.98 -2.90
N SER D 284 -44.63 17.03 -2.62
CA SER D 284 -45.67 17.05 -1.58
C SER D 284 -46.41 15.78 -1.31
N SER D 285 -46.95 15.16 -2.39
CA SER D 285 -47.72 13.91 -2.38
C SER D 285 -47.12 12.91 -1.45
N GLY D 286 -45.83 12.63 -1.61
CA GLY D 286 -45.17 11.81 -0.66
C GLY D 286 -43.94 10.98 -0.88
N THR D 287 -44.08 10.03 -1.80
CA THR D 287 -43.12 8.98 -2.10
C THR D 287 -41.79 9.33 -2.69
N GLY D 288 -41.74 10.34 -3.56
CA GLY D 288 -40.49 10.84 -4.16
C GLY D 288 -39.86 9.85 -5.10
N PRO D 289 -38.60 9.42 -4.84
CA PRO D 289 -37.90 8.53 -5.76
C PRO D 289 -38.53 7.12 -5.86
N GLN D 290 -39.47 6.81 -4.98
CA GLN D 290 -40.09 5.46 -4.93
C GLN D 290 -40.90 5.17 -6.20
N THR D 291 -41.39 6.21 -6.90
CA THR D 291 -42.20 6.07 -8.14
C THR D 291 -41.30 6.07 -9.38
N LEU D 292 -40.01 6.40 -9.23
CA LEU D 292 -39.05 6.37 -10.37
C LEU D 292 -38.76 4.93 -10.75
N PRO D 293 -38.46 4.64 -12.04
CA PRO D 293 -38.06 3.31 -12.46
C PRO D 293 -36.66 3.01 -11.90
N ILE D 294 -36.32 1.73 -11.73
CA ILE D 294 -35.11 1.29 -10.98
C ILE D 294 -33.99 0.92 -11.97
N ASN D 295 -34.23 1.06 -13.28
CA ASN D 295 -33.23 0.72 -14.34
C ASN D 295 -32.63 2.01 -14.90
N GLY D 296 -32.74 3.13 -14.18
CA GLY D 296 -32.09 4.41 -14.54
C GLY D 296 -30.63 4.42 -14.14
N VAL D 297 -29.91 5.47 -14.57
CA VAL D 297 -28.46 5.66 -14.29
C VAL D 297 -28.27 7.06 -13.72
N PHE D 298 -27.48 7.19 -12.66
CA PHE D 298 -27.01 8.50 -12.13
C PHE D 298 -25.87 9.01 -13.02
N VAL D 299 -25.83 10.32 -13.24
CA VAL D 299 -24.68 11.01 -13.91
C VAL D 299 -24.36 12.27 -13.10
N PHE D 300 -23.07 12.52 -12.89
CA PHE D 300 -22.54 13.79 -12.30
C PHE D 300 -22.80 14.92 -13.28
N VAL D 301 -23.39 16.02 -12.80
CA VAL D 301 -23.66 17.26 -13.60
C VAL D 301 -22.57 18.27 -13.27
N SER D 302 -22.46 18.67 -12.01
CA SER D 302 -21.45 19.65 -11.53
C SER D 302 -21.42 19.69 -10.00
N TRP D 303 -20.37 20.29 -9.45
CA TRP D 303 -20.24 20.69 -8.03
C TRP D 303 -21.15 21.91 -7.79
N VAL D 304 -21.92 21.88 -6.70
CA VAL D 304 -22.81 23.00 -6.27
C VAL D 304 -22.59 23.23 -4.77
N SER D 305 -23.10 24.33 -4.23
CA SER D 305 -23.05 24.65 -2.78
C SER D 305 -23.99 23.71 -2.02
N ARG D 306 -23.78 23.55 -0.71
CA ARG D 306 -24.60 22.64 0.13
C ARG D 306 -26.02 23.20 0.25
N PHE D 307 -26.24 24.46 -0.09
CA PHE D 307 -27.58 25.11 -0.01
C PHE D 307 -28.23 25.24 -1.40
N TYR D 308 -27.61 24.71 -2.45
CA TYR D 308 -28.24 24.57 -3.79
C TYR D 308 -29.59 23.88 -3.60
N GLN D 309 -30.66 24.51 -4.10
CA GLN D 309 -32.07 24.06 -3.90
C GLN D 309 -32.45 23.14 -5.08
N LEU D 310 -32.85 21.90 -4.79
CA LEU D 310 -33.23 20.89 -5.80
C LEU D 310 -34.71 21.05 -6.19
N LYS D 311 -35.03 20.80 -7.45
CA LYS D 311 -36.43 20.61 -7.93
C LYS D 311 -36.99 19.37 -7.26
N PRO D 312 -38.25 19.40 -6.77
CA PRO D 312 -38.89 18.21 -6.20
C PRO D 312 -38.93 17.02 -7.17
N VAL D 313 -38.82 15.81 -6.64
CA VAL D 313 -38.78 14.53 -7.42
C VAL D 313 -40.02 13.70 -7.06
N GLY D 314 -40.65 13.08 -8.08
CA GLY D 314 -41.68 12.05 -7.92
C GLY D 314 -43.08 12.58 -8.12
N THR D 315 -44.06 11.82 -7.61
CA THR D 315 -45.52 12.13 -7.62
C THR D 315 -46.04 12.03 -6.19
C1 GAL E . -24.83 -40.62 2.58
C2 GAL E . -25.09 -39.74 1.36
C3 GAL E . -24.36 -38.41 1.56
C4 GAL E . -24.83 -37.75 2.85
C5 GAL E . -24.55 -38.71 4.01
C6 GAL E . -24.90 -38.12 5.40
O1 GAL E . -25.58 -41.83 2.44
O2 GAL E . -24.63 -40.39 0.16
O3 GAL E . -24.56 -37.53 0.43
O4 GAL E . -26.23 -37.43 2.78
O5 GAL E . -25.24 -39.94 3.78
O6 GAL E . -25.90 -37.09 5.30
C1 GLA E . -23.35 -36.75 0.22
C2 GLA E . -23.73 -35.33 -0.21
C3 GLA E . -24.20 -35.29 -1.66
C4 GLA E . -23.19 -36.01 -2.55
C5 GLA E . -23.07 -37.45 -2.04
C6 GLA E . -22.32 -38.38 -3.01
O2 GLA E . -24.80 -34.83 0.62
O3 GLA E . -24.36 -33.94 -2.06
O4 GLA E . -21.94 -35.31 -2.50
O5 GLA E . -22.48 -37.39 -0.73
O6 GLA E . -21.13 -38.96 -2.46
#